data_6NN0
#
_entry.id   6NN0
#
_cell.length_a   54.490
_cell.length_b   106.560
_cell.length_c   154.290
_cell.angle_alpha   90.000
_cell.angle_beta   90.000
_cell.angle_gamma   90.000
#
_symmetry.space_group_name_H-M   'P 21 21 21'
#
loop_
_entity.id
_entity.type
_entity.pdbx_description
1 polymer 'ATP-dependent dethiobiotin synthetase BioD'
2 non-polymer 'SULFATE ION'
3 non-polymer '[(1S,2R)-2-(2-hydroxybenzene-1-carbonyl)cyclopentyl]acetic acid'
4 non-polymer '[(1R,2S)-2-(2-hydroxybenzene-1-carbonyl)cyclopentyl]acetic acid'
5 non-polymer 4-AMINO-1-BETA-D-RIBOFURANOSYL-2(1H)-PYRIMIDINONE
6 water water
#
_entity_poly.entity_id   1
_entity_poly.type   'polypeptide(L)'
_entity_poly.pdbx_seq_one_letter_code
;HHHHHHGGTILVVTGTGTGVGKTVVCAALASAARQAGIDVAVCKPVQTGTARGDDDLAEVGRLAGVTQLAGLARYPQPMA
PAAAAEHAGMALPARDQIVRLIADLDRPGRLTLVEGAGGLLVELAEPGVTLRDVAVDVAAAALVVVTADLGTLNHTKLTL
EALAAQQVSCAGLVIGSWPDPPGLVAASNRSALARIAMVRAALPAGAASLDAGDFAAMSAAAFDRNWVAGLVG
;
_entity_poly.pdbx_strand_id   A,B,C,D
#
# COMPACT_ATOMS: atom_id res chain seq x y z
N GLY A 7 19.97 6.08 -10.75
CA GLY A 7 19.54 5.08 -11.73
C GLY A 7 18.28 5.48 -12.48
N GLY A 8 17.68 4.56 -13.25
CA GLY A 8 16.40 4.77 -13.89
C GLY A 8 15.26 3.93 -13.29
N THR A 9 14.34 3.42 -14.11
CA THR A 9 13.20 2.67 -13.62
C THR A 9 13.34 1.20 -13.97
N ILE A 10 13.27 0.33 -12.96
CA ILE A 10 13.27 -1.11 -13.17
C ILE A 10 11.90 -1.68 -12.84
N LEU A 11 11.38 -2.50 -13.74
CA LEU A 11 10.08 -3.16 -13.57
C LEU A 11 10.29 -4.65 -13.71
N VAL A 12 9.90 -5.42 -12.72
CA VAL A 12 9.79 -6.84 -12.99
C VAL A 12 8.40 -7.10 -13.52
N VAL A 13 8.34 -7.95 -14.54
CA VAL A 13 7.09 -8.41 -15.15
C VAL A 13 6.91 -9.86 -14.75
N THR A 14 5.95 -10.12 -13.88
CA THR A 14 5.65 -11.44 -13.39
C THR A 14 4.18 -11.77 -13.71
N GLY A 15 3.74 -12.93 -13.23
CA GLY A 15 2.37 -13.35 -13.44
C GLY A 15 1.86 -14.24 -12.32
N THR A 16 0.53 -14.39 -12.32
CA THR A 16 -0.11 -15.36 -11.43
C THR A 16 0.30 -16.78 -11.76
N GLY A 17 0.91 -16.99 -12.91
CA GLY A 17 1.47 -18.29 -13.19
C GLY A 17 2.12 -18.39 -14.53
N THR A 18 2.10 -19.58 -15.12
CA THR A 18 2.67 -19.81 -16.43
C THR A 18 1.56 -19.75 -17.48
N GLY A 19 1.91 -19.27 -18.68
CA GLY A 19 0.96 -19.22 -19.78
C GLY A 19 -0.03 -18.06 -19.74
N VAL A 20 0.24 -17.03 -18.94
CA VAL A 20 -0.73 -15.95 -18.74
C VAL A 20 -0.46 -14.73 -19.64
N GLY A 21 0.60 -14.74 -20.44
CA GLY A 21 0.95 -13.62 -21.29
C GLY A 21 2.12 -12.73 -20.86
N LYS A 22 2.95 -13.16 -19.90
CA LYS A 22 4.08 -12.34 -19.45
C LYS A 22 4.91 -11.83 -20.61
N THR A 23 5.27 -12.72 -21.54
CA THR A 23 6.18 -12.31 -22.61
C THR A 23 5.55 -11.24 -23.50
N VAL A 24 4.29 -11.43 -23.89
CA VAL A 24 3.66 -10.48 -24.79
C VAL A 24 3.38 -9.16 -24.08
N VAL A 25 3.13 -9.19 -22.78
CA VAL A 25 2.89 -7.95 -22.04
C VAL A 25 4.18 -7.16 -21.91
N CYS A 26 5.27 -7.87 -21.67
CA CYS A 26 6.58 -7.26 -21.68
C CYS A 26 6.83 -6.52 -22.98
N ALA A 27 6.53 -7.19 -24.10
CA ALA A 27 6.70 -6.57 -25.41
C ALA A 27 5.74 -5.41 -25.62
N ALA A 28 4.57 -5.47 -24.99
CA ALA A 28 3.58 -4.41 -25.26
C ALA A 28 3.92 -3.14 -24.49
N LEU A 29 4.21 -3.28 -23.19
CA LEU A 29 4.75 -2.15 -22.44
C LEU A 29 6.01 -1.62 -23.08
N ALA A 30 6.92 -2.51 -23.48
CA ALA A 30 8.15 -2.08 -24.13
C ALA A 30 7.83 -1.29 -25.38
N SER A 31 6.94 -1.80 -26.24
CA SER A 31 6.62 -1.09 -27.48
C SER A 31 6.00 0.26 -27.18
N ALA A 32 5.01 0.30 -26.29
CA ALA A 32 4.35 1.56 -26.03
C ALA A 32 5.34 2.57 -25.42
N ALA A 33 6.24 2.09 -24.56
CA ALA A 33 7.25 2.96 -23.95
C ALA A 33 8.15 3.59 -25.00
N ARG A 34 8.65 2.77 -25.94
CA ARG A 34 9.42 3.29 -27.08
C ARG A 34 8.68 4.40 -27.80
N GLN A 35 7.40 4.15 -28.14
CA GLN A 35 6.59 5.17 -28.79
C GLN A 35 6.41 6.41 -27.94
N ALA A 36 6.67 6.33 -26.63
CA ALA A 36 6.62 7.49 -25.75
C ALA A 36 7.97 8.17 -25.61
N GLY A 37 8.94 7.79 -26.43
CA GLY A 37 10.27 8.40 -26.38
C GLY A 37 11.18 7.83 -25.33
N ILE A 38 10.86 6.66 -24.80
CA ILE A 38 11.57 6.10 -23.66
C ILE A 38 12.54 5.03 -24.16
N ASP A 39 13.81 5.14 -23.73
CA ASP A 39 14.78 4.08 -23.95
C ASP A 39 14.41 2.82 -23.17
N VAL A 40 14.46 1.67 -23.82
CA VAL A 40 13.95 0.42 -23.25
C VAL A 40 15.02 -0.67 -23.37
N ALA A 41 15.34 -1.31 -22.26
CA ALA A 41 16.04 -2.58 -22.28
C ALA A 41 15.11 -3.64 -21.70
N VAL A 42 15.31 -4.88 -22.14
CA VAL A 42 14.59 -6.03 -21.62
C VAL A 42 15.57 -7.14 -21.29
N CYS A 43 15.31 -7.84 -20.19
N CYS A 43 15.40 -7.79 -20.14
CA CYS A 43 16.22 -8.85 -19.65
CA CYS A 43 16.27 -8.89 -19.77
C CYS A 43 15.45 -10.09 -19.22
C CYS A 43 15.48 -10.08 -19.25
N LYS A 44 15.90 -11.25 -19.69
CA LYS A 44 15.34 -12.54 -19.31
C LYS A 44 16.40 -13.26 -18.50
N PRO A 45 16.44 -13.04 -17.19
CA PRO A 45 17.50 -13.68 -16.40
C PRO A 45 17.53 -15.21 -16.50
N VAL A 46 16.38 -15.89 -16.42
CA VAL A 46 16.30 -17.33 -16.64
C VAL A 46 15.32 -17.60 -17.78
N GLN A 47 15.74 -18.43 -18.72
CA GLN A 47 14.99 -18.76 -19.94
C GLN A 47 15.00 -20.27 -20.09
N THR A 48 13.84 -20.94 -19.94
CA THR A 48 13.81 -22.36 -20.23
C THR A 48 13.13 -22.60 -21.57
N GLY A 49 12.96 -23.88 -21.90
CA GLY A 49 12.31 -24.25 -23.14
C GLY A 49 13.13 -24.06 -24.42
N THR A 50 14.44 -23.80 -24.33
CA THR A 50 15.21 -23.53 -25.54
C THR A 50 15.14 -24.70 -26.52
N ALA A 51 15.10 -25.93 -26.00
CA ALA A 51 15.05 -27.11 -26.85
C ALA A 51 13.79 -27.18 -27.70
N ARG A 52 12.79 -26.36 -27.44
CA ARG A 52 11.65 -26.23 -28.34
C ARG A 52 11.57 -24.81 -28.90
N GLY A 53 12.71 -24.13 -28.97
CA GLY A 53 12.76 -22.82 -29.58
C GLY A 53 12.20 -21.67 -28.76
N ASP A 54 11.83 -21.91 -27.50
CA ASP A 54 11.35 -20.82 -26.65
C ASP A 54 12.46 -19.81 -26.43
N ASP A 55 12.21 -18.57 -26.85
CA ASP A 55 13.18 -17.47 -26.70
C ASP A 55 12.36 -16.19 -26.54
N ASP A 56 12.17 -15.79 -25.29
CA ASP A 56 11.26 -14.69 -25.01
C ASP A 56 11.91 -13.35 -25.36
N LEU A 57 13.23 -13.23 -25.16
CA LEU A 57 13.93 -12.02 -25.60
C LEU A 57 13.75 -11.82 -27.09
N ALA A 58 14.02 -12.87 -27.87
CA ALA A 58 13.80 -12.81 -29.32
C ALA A 58 12.37 -12.42 -29.65
N GLU A 59 11.40 -12.97 -28.94
CA GLU A 59 10.01 -12.64 -29.26
C GLU A 59 9.69 -11.20 -28.93
N VAL A 60 10.27 -10.65 -27.87
CA VAL A 60 10.07 -9.23 -27.57
C VAL A 60 10.72 -8.36 -28.65
N GLY A 61 11.96 -8.69 -29.02
CA GLY A 61 12.60 -8.01 -30.13
C GLY A 61 11.77 -8.05 -31.40
N ARG A 62 11.14 -9.18 -31.68
CA ARG A 62 10.33 -9.29 -32.89
C ARG A 62 9.20 -8.28 -32.87
N LEU A 63 8.33 -8.38 -31.86
CA LEU A 63 7.04 -7.71 -31.90
C LEU A 63 7.16 -6.21 -31.62
N ALA A 64 8.13 -5.82 -30.79
CA ALA A 64 8.29 -4.44 -30.38
C ALA A 64 9.57 -3.80 -30.90
N GLY A 65 10.52 -4.57 -31.41
CA GLY A 65 11.71 -3.98 -31.98
C GLY A 65 12.75 -3.53 -30.97
N VAL A 66 12.68 -3.99 -29.73
CA VAL A 66 13.70 -3.64 -28.77
C VAL A 66 15.02 -4.26 -29.18
N THR A 67 16.09 -3.48 -29.14
CA THR A 67 17.40 -4.02 -29.47
C THR A 67 18.18 -4.45 -28.25
N GLN A 68 17.96 -3.81 -27.11
CA GLN A 68 18.76 -4.04 -25.91
C GLN A 68 18.14 -5.19 -25.12
N LEU A 69 18.66 -6.40 -25.37
CA LEU A 69 18.12 -7.65 -24.86
C LEU A 69 19.24 -8.43 -24.18
N ALA A 70 19.03 -8.87 -22.95
CA ALA A 70 20.10 -9.51 -22.20
C ALA A 70 19.60 -10.80 -21.57
N GLY A 71 20.20 -11.92 -21.96
CA GLY A 71 19.96 -13.19 -21.32
C GLY A 71 20.99 -13.46 -20.24
N LEU A 72 20.95 -14.67 -19.70
CA LEU A 72 21.93 -15.07 -18.69
C LEU A 72 21.98 -16.58 -18.52
N ALA A 73 20.87 -17.19 -18.11
CA ALA A 73 20.79 -18.64 -17.97
C ALA A 73 19.81 -19.17 -19.01
N ARG A 74 20.25 -20.16 -19.79
CA ARG A 74 19.43 -20.78 -20.82
C ARG A 74 19.43 -22.30 -20.63
N TYR A 75 18.25 -22.93 -20.79
CA TYR A 75 18.06 -24.34 -20.50
C TYR A 75 17.11 -25.02 -21.49
N PRO A 76 17.38 -26.28 -21.87
CA PRO A 76 16.58 -26.90 -22.95
C PRO A 76 15.13 -27.19 -22.59
N GLN A 77 14.87 -27.83 -21.46
CA GLN A 77 13.54 -28.40 -21.22
C GLN A 77 12.53 -27.30 -20.88
N PRO A 78 11.28 -27.49 -21.28
CA PRO A 78 10.20 -26.52 -20.98
C PRO A 78 9.59 -26.79 -19.60
N MET A 79 10.39 -26.58 -18.57
CA MET A 79 9.94 -26.79 -17.21
C MET A 79 10.46 -25.64 -16.36
N ALA A 80 10.09 -25.65 -15.08
CA ALA A 80 10.62 -24.70 -14.13
C ALA A 80 12.15 -24.70 -14.16
N PRO A 81 12.76 -23.55 -13.90
CA PRO A 81 14.23 -23.47 -14.04
C PRO A 81 14.97 -24.43 -13.13
N ALA A 82 14.50 -24.64 -11.90
CA ALA A 82 15.16 -25.63 -11.05
C ALA A 82 15.17 -27.00 -11.72
N ALA A 83 14.08 -27.36 -12.38
CA ALA A 83 13.98 -28.66 -13.04
C ALA A 83 14.82 -28.70 -14.30
N ALA A 84 14.62 -27.75 -15.22
CA ALA A 84 15.36 -27.76 -16.47
C ALA A 84 16.87 -27.73 -16.23
N ALA A 85 17.30 -27.18 -15.10
CA ALA A 85 18.71 -27.15 -14.74
C ALA A 85 19.19 -28.47 -14.15
N GLU A 86 18.43 -29.11 -13.26
CA GLU A 86 18.83 -30.45 -12.82
C GLU A 86 18.89 -31.41 -13.99
N HIS A 87 18.00 -31.25 -14.96
CA HIS A 87 17.88 -32.21 -16.06
C HIS A 87 18.98 -32.03 -17.09
N ALA A 88 19.49 -30.83 -17.27
CA ALA A 88 20.60 -30.60 -18.17
C ALA A 88 21.95 -30.68 -17.48
N GLY A 89 21.98 -31.17 -16.23
CA GLY A 89 23.16 -31.21 -15.40
C GLY A 89 23.72 -29.88 -14.96
N MET A 90 23.06 -28.77 -15.28
CA MET A 90 23.62 -27.43 -15.13
C MET A 90 23.19 -26.81 -13.79
N ALA A 91 23.69 -25.61 -13.52
CA ALA A 91 23.39 -24.94 -12.26
C ALA A 91 22.42 -23.78 -12.50
N LEU A 92 21.71 -23.42 -11.43
CA LEU A 92 20.94 -22.18 -11.49
C LEU A 92 21.86 -20.99 -11.24
N PRO A 93 21.71 -19.89 -11.99
CA PRO A 93 22.59 -18.75 -11.76
C PRO A 93 22.48 -18.29 -10.34
N ALA A 94 23.46 -17.50 -9.94
CA ALA A 94 23.47 -17.06 -8.56
C ALA A 94 22.64 -15.81 -8.43
N ARG A 95 22.15 -15.58 -7.21
CA ARG A 95 21.32 -14.41 -6.95
C ARG A 95 22.02 -13.14 -7.42
N ASP A 96 23.30 -12.99 -7.09
CA ASP A 96 23.96 -11.76 -7.42
C ASP A 96 24.28 -11.65 -8.91
N GLN A 97 24.29 -12.76 -9.67
CA GLN A 97 24.51 -12.64 -11.12
C GLN A 97 23.28 -12.12 -11.83
N ILE A 98 22.10 -12.55 -11.40
CA ILE A 98 20.87 -11.95 -11.89
C ILE A 98 20.90 -10.46 -11.61
N VAL A 99 20.91 -10.09 -10.33
CA VAL A 99 20.98 -8.69 -9.90
C VAL A 99 22.06 -7.90 -10.63
N ARG A 100 23.14 -8.57 -11.04
CA ARG A 100 24.20 -7.86 -11.76
C ARG A 100 23.80 -7.60 -13.20
N LEU A 101 23.10 -8.55 -13.81
CA LEU A 101 22.65 -8.37 -15.18
C LEU A 101 21.71 -7.18 -15.29
N ILE A 102 20.84 -7.03 -14.29
CA ILE A 102 19.88 -5.93 -14.26
C ILE A 102 20.59 -4.62 -13.98
N ALA A 103 21.50 -4.60 -13.00
CA ALA A 103 22.20 -3.36 -12.66
C ALA A 103 23.03 -2.85 -13.82
N ASP A 104 23.56 -3.73 -14.66
CA ASP A 104 24.33 -3.26 -15.79
C ASP A 104 23.47 -2.55 -16.82
N LEU A 105 22.17 -2.85 -16.87
CA LEU A 105 21.26 -2.22 -17.83
C LEU A 105 20.67 -0.91 -17.33
N ASP A 106 20.48 -0.77 -16.02
CA ASP A 106 19.84 0.39 -15.39
C ASP A 106 20.63 1.67 -15.62
N ARG A 107 20.09 2.57 -16.45
CA ARG A 107 20.59 3.90 -16.75
C ARG A 107 19.49 4.88 -16.41
N PRO A 108 19.80 6.14 -16.08
CA PRO A 108 18.72 7.13 -15.94
C PRO A 108 17.99 7.33 -17.27
N GLY A 109 16.69 7.62 -17.17
CA GLY A 109 15.89 7.74 -18.38
C GLY A 109 15.54 6.46 -19.09
N ARG A 110 16.08 5.32 -18.65
CA ARG A 110 15.79 4.02 -19.27
C ARG A 110 14.71 3.28 -18.50
N LEU A 111 13.81 2.63 -19.25
CA LEU A 111 12.89 1.62 -18.71
C LEU A 111 13.55 0.25 -18.88
N THR A 112 13.85 -0.41 -17.76
CA THR A 112 14.35 -1.78 -17.83
C THR A 112 13.29 -2.77 -17.36
N LEU A 113 12.86 -3.64 -18.28
CA LEU A 113 11.91 -4.70 -17.96
C LEU A 113 12.65 -6.02 -17.70
N VAL A 114 12.37 -6.64 -16.57
CA VAL A 114 12.92 -7.93 -16.18
C VAL A 114 11.79 -8.94 -16.31
N GLU A 115 11.79 -9.72 -17.39
CA GLU A 115 10.76 -10.73 -17.55
C GLU A 115 11.09 -11.94 -16.70
N GLY A 116 10.15 -12.34 -15.84
CA GLY A 116 10.34 -13.52 -14.99
C GLY A 116 10.09 -14.84 -15.74
N ALA A 117 10.30 -15.92 -15.00
CA ALA A 117 10.10 -17.28 -15.48
C ALA A 117 8.91 -17.89 -14.74
N GLY A 118 7.83 -18.13 -15.47
CA GLY A 118 6.51 -18.42 -14.95
C GLY A 118 6.10 -18.09 -13.52
N GLY A 119 5.68 -16.88 -13.21
CA GLY A 119 5.04 -16.75 -11.90
C GLY A 119 5.93 -16.43 -10.71
N LEU A 120 5.40 -15.65 -9.78
CA LEU A 120 6.23 -14.83 -8.89
C LEU A 120 7.15 -15.66 -7.99
N LEU A 121 6.69 -16.78 -7.44
CA LEU A 121 7.55 -17.48 -6.47
C LEU A 121 8.44 -18.55 -7.07
N VAL A 122 8.57 -18.62 -8.39
CA VAL A 122 9.44 -19.62 -9.01
C VAL A 122 10.89 -19.41 -8.60
N GLU A 123 11.56 -20.49 -8.24
CA GLU A 123 12.98 -20.41 -7.92
C GLU A 123 13.78 -20.11 -9.18
N LEU A 124 14.47 -18.98 -9.17
CA LEU A 124 15.32 -18.54 -10.27
C LEU A 124 16.78 -18.75 -9.97
N ALA A 125 17.12 -18.90 -8.70
CA ALA A 125 18.49 -18.98 -8.24
C ALA A 125 18.51 -19.76 -6.94
N GLU A 126 19.63 -20.44 -6.70
CA GLU A 126 19.71 -21.22 -5.48
C GLU A 126 20.08 -20.31 -4.31
N PRO A 127 19.51 -20.54 -3.12
CA PRO A 127 18.48 -21.50 -2.73
C PRO A 127 17.13 -20.86 -2.55
N GLY A 128 16.17 -21.17 -3.41
CA GLY A 128 14.86 -20.55 -3.29
C GLY A 128 14.84 -19.07 -3.60
N VAL A 129 15.72 -18.60 -4.47
CA VAL A 129 15.79 -17.19 -4.81
C VAL A 129 14.75 -16.91 -5.89
N THR A 130 13.77 -16.07 -5.57
CA THR A 130 12.66 -15.77 -6.48
C THR A 130 12.81 -14.38 -7.11
N LEU A 131 12.01 -14.14 -8.15
CA LEU A 131 11.94 -12.80 -8.74
C LEU A 131 11.52 -11.77 -7.70
N ARG A 132 10.82 -12.19 -6.65
CA ARG A 132 10.52 -11.25 -5.59
C ARG A 132 11.79 -10.76 -4.89
N ASP A 133 12.69 -11.69 -4.53
CA ASP A 133 13.91 -11.29 -3.84
C ASP A 133 14.76 -10.40 -4.71
N VAL A 134 14.80 -10.71 -6.00
CA VAL A 134 15.48 -9.87 -6.96
C VAL A 134 14.90 -8.47 -6.96
N ALA A 135 13.57 -8.35 -6.98
CA ALA A 135 12.96 -7.03 -7.04
C ALA A 135 13.27 -6.22 -5.79
N VAL A 136 13.44 -6.88 -4.66
CA VAL A 136 13.92 -6.20 -3.47
C VAL A 136 15.35 -5.73 -3.67
N ASP A 137 16.24 -6.65 -4.04
CA ASP A 137 17.65 -6.32 -4.29
C ASP A 137 17.79 -5.08 -5.15
N VAL A 138 17.04 -5.01 -6.25
CA VAL A 138 17.18 -3.92 -7.21
C VAL A 138 16.10 -2.86 -7.04
N ALA A 139 15.34 -2.90 -5.94
CA ALA A 139 14.35 -1.86 -5.63
C ALA A 139 13.34 -1.64 -6.75
N ALA A 140 12.86 -2.73 -7.36
CA ALA A 140 11.94 -2.67 -8.49
C ALA A 140 10.50 -2.81 -8.05
N ALA A 141 9.61 -2.21 -8.82
CA ALA A 141 8.19 -2.52 -8.77
C ALA A 141 7.84 -3.68 -9.70
N ALA A 142 6.69 -4.31 -9.42
CA ALA A 142 6.26 -5.53 -10.08
C ALA A 142 4.98 -5.27 -10.85
N LEU A 143 5.01 -5.58 -12.14
CA LEU A 143 3.83 -5.58 -12.97
C LEU A 143 3.32 -7.03 -13.08
N VAL A 144 2.08 -7.26 -12.64
CA VAL A 144 1.51 -8.60 -12.47
C VAL A 144 0.60 -8.94 -13.65
N VAL A 145 1.02 -9.89 -14.49
CA VAL A 145 0.18 -10.37 -15.59
C VAL A 145 -0.80 -11.42 -15.07
N VAL A 146 -2.06 -11.29 -15.48
CA VAL A 146 -3.18 -12.09 -15.00
C VAL A 146 -4.00 -12.60 -16.20
N THR A 147 -4.86 -13.56 -15.93
CA THR A 147 -5.90 -13.98 -16.86
C THR A 147 -7.23 -13.38 -16.42
N ALA A 148 -8.22 -13.38 -17.34
CA ALA A 148 -9.59 -13.11 -16.92
C ALA A 148 -10.36 -14.38 -16.52
N ASP A 149 -9.70 -15.53 -16.53
CA ASP A 149 -10.38 -16.79 -16.35
C ASP A 149 -10.74 -17.03 -14.90
N LEU A 150 -11.62 -18.01 -14.72
CA LEU A 150 -12.00 -18.51 -13.40
C LEU A 150 -10.77 -18.77 -12.56
N GLY A 151 -10.84 -18.38 -11.29
CA GLY A 151 -9.75 -18.60 -10.37
C GLY A 151 -8.66 -17.56 -10.40
N THR A 152 -8.74 -16.56 -11.31
CA THR A 152 -7.76 -15.49 -11.42
C THR A 152 -7.77 -14.54 -10.23
N LEU A 153 -8.91 -14.39 -9.56
CA LEU A 153 -8.99 -13.48 -8.43
C LEU A 153 -8.13 -13.98 -7.29
N ASN A 154 -8.42 -15.20 -6.84
CA ASN A 154 -7.61 -15.85 -5.81
C ASN A 154 -6.12 -15.76 -6.15
N HIS A 155 -5.76 -16.14 -7.37
CA HIS A 155 -4.34 -16.16 -7.74
C HIS A 155 -3.75 -14.77 -7.71
N THR A 156 -4.48 -13.79 -8.22
CA THR A 156 -3.98 -12.43 -8.19
C THR A 156 -3.81 -11.91 -6.78
N LYS A 157 -4.81 -12.14 -5.92
CA LYS A 157 -4.71 -11.69 -4.53
C LYS A 157 -3.53 -12.33 -3.82
N LEU A 158 -3.28 -13.61 -4.07
CA LEU A 158 -2.14 -14.30 -3.46
C LEU A 158 -0.82 -13.68 -3.89
N THR A 159 -0.76 -13.25 -5.14
CA THR A 159 0.45 -12.66 -5.69
C THR A 159 0.70 -11.29 -5.11
N LEU A 160 -0.28 -10.40 -5.25
CA LEU A 160 -0.19 -9.10 -4.58
C LEU A 160 0.15 -9.29 -3.11
N GLU A 161 -0.52 -10.22 -2.45
CA GLU A 161 -0.20 -10.43 -1.05
C GLU A 161 1.25 -10.82 -0.86
N ALA A 162 1.83 -11.54 -1.82
CA ALA A 162 3.24 -11.92 -1.69
C ALA A 162 4.18 -10.77 -2.02
N LEU A 163 3.81 -9.91 -2.97
CA LEU A 163 4.56 -8.69 -3.23
C LEU A 163 4.56 -7.77 -2.00
N ALA A 164 3.41 -7.61 -1.35
CA ALA A 164 3.27 -6.64 -0.27
C ALA A 164 3.96 -7.09 1.00
N ALA A 165 4.23 -8.38 1.14
CA ALA A 165 4.93 -8.90 2.31
C ALA A 165 6.43 -8.66 2.26
N GLN A 166 6.99 -8.39 1.08
CA GLN A 166 8.38 -7.98 0.98
C GLN A 166 8.52 -6.52 0.56
N GLN A 167 7.42 -5.77 0.63
CA GLN A 167 7.41 -4.35 0.28
C GLN A 167 7.90 -4.11 -1.15
N VAL A 168 7.55 -5.02 -2.05
CA VAL A 168 7.77 -4.83 -3.48
C VAL A 168 6.51 -4.15 -4.02
N SER A 169 6.66 -2.92 -4.44
CA SER A 169 5.51 -2.14 -4.88
C SER A 169 4.88 -2.79 -6.11
N CYS A 170 3.55 -2.88 -6.11
CA CYS A 170 2.80 -3.37 -7.26
C CYS A 170 2.62 -2.23 -8.25
N ALA A 171 3.11 -2.41 -9.46
CA ALA A 171 2.91 -1.42 -10.53
C ALA A 171 1.57 -1.58 -11.23
N GLY A 172 0.75 -2.54 -10.81
CA GLY A 172 -0.53 -2.76 -11.44
C GLY A 172 -0.61 -4.11 -12.11
N LEU A 173 -1.74 -4.34 -12.76
CA LEU A 173 -2.05 -5.58 -13.43
C LEU A 173 -2.21 -5.35 -14.93
N VAL A 174 -1.98 -6.42 -15.70
CA VAL A 174 -2.31 -6.47 -17.12
C VAL A 174 -2.97 -7.81 -17.36
N ILE A 175 -4.11 -7.78 -18.05
CA ILE A 175 -4.70 -9.01 -18.53
C ILE A 175 -4.02 -9.34 -19.86
N GLY A 176 -3.34 -10.49 -19.89
CA GLY A 176 -2.53 -10.85 -21.05
C GLY A 176 -3.31 -11.25 -22.29
N SER A 177 -4.48 -11.85 -22.13
CA SER A 177 -5.35 -12.18 -23.25
C SER A 177 -6.78 -11.81 -22.86
N TRP A 178 -7.41 -10.96 -23.67
CA TRP A 178 -8.74 -10.45 -23.38
C TRP A 178 -9.69 -10.78 -24.52
N PRO A 179 -10.61 -11.73 -24.34
CA PRO A 179 -11.42 -12.21 -25.46
C PRO A 179 -12.48 -11.21 -25.88
N ASP A 180 -12.85 -11.29 -27.15
CA ASP A 180 -13.86 -10.41 -27.74
C ASP A 180 -14.89 -11.26 -28.48
N PRO A 181 -16.15 -11.29 -28.02
CA PRO A 181 -16.63 -10.62 -26.81
C PRO A 181 -16.45 -11.44 -25.53
N PRO A 182 -16.33 -10.75 -24.39
CA PRO A 182 -16.17 -11.46 -23.11
C PRO A 182 -17.48 -11.97 -22.55
N GLY A 183 -17.39 -13.12 -21.87
CA GLY A 183 -18.55 -13.73 -21.24
C GLY A 183 -18.75 -13.23 -19.83
N LEU A 184 -19.84 -13.69 -19.23
CA LEU A 184 -20.17 -13.28 -17.86
C LEU A 184 -18.96 -13.39 -16.93
N VAL A 185 -18.20 -14.49 -17.02
CA VAL A 185 -17.12 -14.73 -16.08
C VAL A 185 -15.94 -13.82 -16.37
N ALA A 186 -15.59 -13.65 -17.66
CA ALA A 186 -14.54 -12.71 -18.04
C ALA A 186 -14.92 -11.30 -17.60
N ALA A 187 -16.18 -10.92 -17.78
CA ALA A 187 -16.65 -9.62 -17.32
C ALA A 187 -16.51 -9.48 -15.82
N SER A 188 -16.95 -10.49 -15.08
CA SER A 188 -16.95 -10.38 -13.63
C SER A 188 -15.53 -10.26 -13.09
N ASN A 189 -14.58 -10.99 -13.68
CA ASN A 189 -13.22 -10.97 -13.18
C ASN A 189 -12.55 -9.63 -13.48
N ARG A 190 -12.57 -9.20 -14.74
CA ARG A 190 -12.04 -7.89 -15.09
C ARG A 190 -12.59 -6.77 -14.21
N SER A 191 -13.88 -6.82 -13.88
CA SER A 191 -14.39 -5.83 -12.96
C SER A 191 -13.90 -6.10 -11.54
N ALA A 192 -13.95 -7.37 -11.12
CA ALA A 192 -13.47 -7.70 -9.79
C ALA A 192 -11.98 -7.39 -9.66
N LEU A 193 -11.22 -7.65 -10.73
CA LEU A 193 -9.78 -7.39 -10.71
C LEU A 193 -9.50 -5.90 -10.52
N ALA A 194 -10.17 -5.06 -11.32
CA ALA A 194 -10.04 -3.61 -11.23
C ALA A 194 -10.36 -3.07 -9.84
N ARG A 195 -10.99 -3.86 -8.99
CA ARG A 195 -11.31 -3.44 -7.63
C ARG A 195 -10.22 -3.74 -6.63
N ILE A 196 -9.25 -4.58 -6.97
CA ILE A 196 -8.15 -4.87 -6.03
C ILE A 196 -6.86 -4.21 -6.46
N ALA A 197 -6.74 -3.73 -7.69
CA ALA A 197 -5.51 -3.16 -8.22
C ALA A 197 -5.79 -2.53 -9.57
N MET A 198 -4.89 -1.64 -9.99
CA MET A 198 -5.06 -0.90 -11.23
C MET A 198 -4.86 -1.81 -12.42
N VAL A 199 -5.83 -1.83 -13.32
CA VAL A 199 -5.74 -2.68 -14.52
C VAL A 199 -5.09 -1.80 -15.58
N ARG A 200 -3.77 -1.90 -15.69
CA ARG A 200 -3.05 -1.03 -16.62
C ARG A 200 -3.46 -1.29 -18.05
N ALA A 201 -3.92 -2.49 -18.35
CA ALA A 201 -4.27 -2.83 -19.72
C ALA A 201 -4.86 -4.22 -19.78
N ALA A 202 -5.35 -4.58 -20.97
CA ALA A 202 -6.01 -5.84 -21.30
C ALA A 202 -5.77 -6.12 -22.79
N LEU A 203 -4.64 -6.75 -23.08
CA LEU A 203 -4.24 -6.91 -24.48
C LEU A 203 -5.16 -7.90 -25.19
N PRO A 204 -5.52 -7.62 -26.45
CA PRO A 204 -6.41 -8.53 -27.17
C PRO A 204 -5.80 -9.89 -27.41
N ALA A 205 -6.67 -10.90 -27.46
CA ALA A 205 -6.24 -12.26 -27.67
C ALA A 205 -5.48 -12.38 -28.99
N GLY A 206 -4.49 -13.28 -29.00
CA GLY A 206 -3.67 -13.47 -30.18
C GLY A 206 -2.95 -12.22 -30.63
N ALA A 207 -2.82 -11.21 -29.77
CA ALA A 207 -1.98 -10.08 -30.14
C ALA A 207 -0.56 -10.51 -30.45
N ALA A 208 -0.16 -11.72 -30.04
CA ALA A 208 1.19 -12.19 -30.34
C ALA A 208 1.40 -12.47 -31.82
N SER A 209 0.34 -12.63 -32.60
CA SER A 209 0.47 -12.89 -34.03
C SER A 209 0.41 -11.63 -34.89
N LEU A 210 0.22 -10.46 -34.27
CA LEU A 210 0.29 -9.21 -35.00
C LEU A 210 1.71 -8.94 -35.51
N ASP A 211 1.80 -8.33 -36.70
CA ASP A 211 3.10 -7.95 -37.24
C ASP A 211 3.55 -6.64 -36.62
N ALA A 212 4.80 -6.26 -36.92
CA ALA A 212 5.43 -5.12 -36.27
C ALA A 212 4.50 -3.92 -36.23
N GLY A 213 3.90 -3.58 -37.37
CA GLY A 213 3.02 -2.43 -37.41
C GLY A 213 1.81 -2.59 -36.52
N ASP A 214 1.07 -3.69 -36.69
CA ASP A 214 -0.13 -3.94 -35.88
C ASP A 214 0.20 -3.99 -34.40
N PHE A 215 1.29 -4.66 -34.05
CA PHE A 215 1.63 -4.81 -32.64
C PHE A 215 1.84 -3.47 -31.97
N ALA A 216 2.64 -2.59 -32.59
CA ALA A 216 2.88 -1.26 -32.03
C ALA A 216 1.59 -0.45 -31.93
N ALA A 217 0.68 -0.61 -32.89
CA ALA A 217 -0.60 0.07 -32.82
C ALA A 217 -1.42 -0.46 -31.66
N MET A 218 -1.50 -1.79 -31.55
CA MET A 218 -2.16 -2.40 -30.43
C MET A 218 -1.60 -1.88 -29.11
N SER A 219 -0.27 -1.95 -28.95
CA SER A 219 0.38 -1.57 -27.69
C SER A 219 0.03 -0.16 -27.29
N ALA A 220 0.28 0.79 -28.19
CA ALA A 220 0.01 2.20 -27.94
C ALA A 220 -1.43 2.42 -27.50
N ALA A 221 -2.36 1.65 -28.09
CA ALA A 221 -3.77 1.76 -27.71
C ALA A 221 -4.04 1.15 -26.34
N ALA A 222 -3.34 0.05 -26.02
CA ALA A 222 -3.62 -0.74 -24.82
C ALA A 222 -3.30 -0.02 -23.52
N PHE A 223 -2.30 0.86 -23.52
CA PHE A 223 -1.82 1.50 -22.30
C PHE A 223 -2.15 2.98 -22.29
N ASP A 224 -2.49 3.48 -21.11
CA ASP A 224 -2.68 4.91 -20.92
C ASP A 224 -1.34 5.61 -21.12
N ARG A 225 -1.23 6.37 -22.21
CA ARG A 225 0.03 7.03 -22.56
C ARG A 225 0.61 7.80 -21.39
N ASN A 226 -0.25 8.45 -20.60
CA ASN A 226 0.22 9.23 -19.45
C ASN A 226 0.78 8.34 -18.38
N TRP A 227 0.20 7.15 -18.19
CA TRP A 227 0.76 6.20 -17.25
C TRP A 227 2.13 5.72 -17.74
N VAL A 228 2.22 5.33 -19.01
CA VAL A 228 3.49 4.88 -19.55
C VAL A 228 4.56 5.96 -19.34
N ALA A 229 4.30 7.18 -19.80
CA ALA A 229 5.33 8.21 -19.69
C ALA A 229 5.70 8.48 -18.24
N GLY A 230 4.74 8.45 -17.35
CA GLY A 230 5.05 8.63 -15.94
C GLY A 230 5.98 7.60 -15.31
N LEU A 231 6.46 6.59 -16.04
CA LEU A 231 7.19 5.52 -15.36
C LEU A 231 8.65 5.88 -15.10
N VAL A 232 9.24 6.71 -15.94
CA VAL A 232 10.64 7.13 -15.85
C VAL A 232 10.71 8.64 -16.10
N GLY A 233 11.27 9.34 -15.16
CA GLY A 233 11.46 10.76 -15.41
C GLY A 233 12.90 11.09 -15.74
N GLY B 7 -12.88 -28.55 21.72
CA GLY B 7 -13.59 -29.78 21.44
C GLY B 7 -12.78 -30.83 20.70
N GLY B 8 -13.01 -30.94 19.40
CA GLY B 8 -12.26 -31.87 18.58
C GLY B 8 -11.35 -31.18 17.57
N THR B 9 -11.13 -31.82 16.43
CA THR B 9 -10.20 -31.36 15.42
C THR B 9 -10.93 -30.79 14.21
N ILE B 10 -10.59 -29.57 13.83
CA ILE B 10 -11.24 -28.84 12.73
C ILE B 10 -10.19 -28.57 11.66
N LEU B 11 -10.40 -29.10 10.48
CA LEU B 11 -9.48 -28.94 9.36
C LEU B 11 -10.21 -28.22 8.24
N VAL B 12 -9.59 -27.20 7.69
CA VAL B 12 -10.16 -26.64 6.47
C VAL B 12 -9.45 -27.29 5.30
N VAL B 13 -10.22 -27.65 4.30
CA VAL B 13 -9.68 -28.23 3.08
C VAL B 13 -9.74 -27.13 2.02
N THR B 14 -8.58 -26.55 1.74
CA THR B 14 -8.44 -25.51 0.74
C THR B 14 -7.68 -26.05 -0.47
N GLY B 15 -7.48 -25.20 -1.47
CA GLY B 15 -6.72 -25.62 -2.63
C GLY B 15 -6.06 -24.44 -3.30
N THR B 16 -5.14 -24.76 -4.17
CA THR B 16 -4.49 -23.71 -4.93
C THR B 16 -5.33 -23.16 -6.00
N GLY B 17 -6.60 -23.55 -6.13
CA GLY B 17 -7.42 -23.06 -7.21
C GLY B 17 -8.74 -23.80 -7.27
N THR B 18 -9.54 -23.43 -8.28
CA THR B 18 -10.68 -24.24 -8.73
C THR B 18 -10.21 -25.56 -9.34
N GLY B 19 -11.10 -26.54 -9.30
CA GLY B 19 -10.88 -27.80 -9.98
C GLY B 19 -9.54 -28.48 -9.74
N VAL B 20 -8.99 -28.34 -8.53
CA VAL B 20 -7.79 -29.09 -8.16
C VAL B 20 -8.14 -30.36 -7.37
N GLY B 21 -9.42 -30.61 -7.14
CA GLY B 21 -9.88 -31.78 -6.44
C GLY B 21 -10.11 -31.63 -4.95
N LYS B 22 -10.53 -30.45 -4.49
CA LYS B 22 -10.80 -30.26 -3.06
C LYS B 22 -11.89 -31.21 -2.58
N THR B 23 -12.97 -31.32 -3.35
CA THR B 23 -14.11 -32.13 -2.90
C THR B 23 -13.75 -33.61 -2.83
N VAL B 24 -13.03 -34.12 -3.85
CA VAL B 24 -12.70 -35.54 -3.82
C VAL B 24 -11.73 -35.85 -2.70
N VAL B 25 -10.83 -34.93 -2.38
CA VAL B 25 -9.85 -35.14 -1.33
C VAL B 25 -10.54 -35.07 0.01
N CYS B 26 -11.38 -34.06 0.19
CA CYS B 26 -12.26 -34.00 1.32
C CYS B 26 -12.95 -35.35 1.57
N ALA B 27 -13.70 -35.82 0.58
CA ALA B 27 -14.35 -37.12 0.71
C ALA B 27 -13.36 -38.21 1.07
N ALA B 28 -12.17 -38.20 0.46
CA ALA B 28 -11.19 -39.25 0.71
C ALA B 28 -10.65 -39.20 2.13
N LEU B 29 -10.16 -38.04 2.58
CA LEU B 29 -9.76 -37.97 3.98
C LEU B 29 -10.94 -38.30 4.89
N ALA B 30 -12.15 -37.93 4.50
CA ALA B 30 -13.30 -38.25 5.33
C ALA B 30 -13.49 -39.75 5.46
N SER B 31 -13.44 -40.47 4.33
CA SER B 31 -13.46 -41.94 4.36
C SER B 31 -12.37 -42.50 5.26
N ALA B 32 -11.11 -42.19 4.94
CA ALA B 32 -9.99 -42.68 5.73
C ALA B 32 -10.23 -42.47 7.22
N ALA B 33 -10.65 -41.26 7.60
CA ALA B 33 -10.91 -40.98 9.00
C ALA B 33 -11.99 -41.89 9.58
N ARG B 34 -13.09 -42.08 8.84
CA ARG B 34 -14.15 -42.96 9.30
C ARG B 34 -13.61 -44.37 9.56
N GLN B 35 -12.93 -44.94 8.56
CA GLN B 35 -12.35 -46.28 8.66
C GLN B 35 -11.35 -46.42 9.82
N ALA B 36 -10.68 -45.34 10.20
CA ALA B 36 -9.89 -45.32 11.42
C ALA B 36 -10.75 -45.15 12.67
N GLY B 37 -12.07 -45.28 12.53
CA GLY B 37 -12.96 -45.17 13.66
C GLY B 37 -13.21 -43.77 14.16
N ILE B 38 -13.04 -42.76 13.32
CA ILE B 38 -13.25 -41.37 13.73
C ILE B 38 -14.59 -40.92 13.18
N ASP B 39 -15.38 -40.27 14.03
CA ASP B 39 -16.61 -39.63 13.60
C ASP B 39 -16.28 -38.39 12.78
N VAL B 40 -16.81 -38.28 11.56
CA VAL B 40 -16.46 -37.18 10.66
C VAL B 40 -17.69 -36.34 10.40
N ALA B 41 -17.52 -35.02 10.50
CA ALA B 41 -18.48 -34.07 9.96
C ALA B 41 -17.81 -33.31 8.81
N VAL B 42 -18.62 -32.76 7.91
CA VAL B 42 -18.12 -31.99 6.78
C VAL B 42 -18.98 -30.73 6.63
N CYS B 43 -18.38 -29.57 6.84
CA CYS B 43 -19.06 -28.30 6.63
C CYS B 43 -18.66 -27.71 5.28
N LYS B 44 -19.65 -27.27 4.53
CA LYS B 44 -19.48 -26.68 3.20
C LYS B 44 -20.38 -25.46 3.21
N PRO B 45 -19.90 -24.34 3.77
CA PRO B 45 -20.80 -23.19 4.03
C PRO B 45 -21.49 -22.70 2.77
N VAL B 46 -20.73 -22.50 1.70
CA VAL B 46 -21.24 -21.91 0.47
C VAL B 46 -20.94 -22.88 -0.67
N GLN B 47 -21.93 -23.07 -1.54
CA GLN B 47 -21.91 -24.04 -2.63
C GLN B 47 -22.49 -23.33 -3.85
N THR B 48 -21.77 -23.35 -4.97
CA THR B 48 -22.24 -22.73 -6.18
C THR B 48 -22.24 -23.77 -7.29
N GLY B 49 -22.90 -23.43 -8.39
CA GLY B 49 -23.05 -24.36 -9.49
C GLY B 49 -24.24 -25.27 -9.34
N THR B 50 -25.26 -24.86 -8.59
CA THR B 50 -26.38 -25.74 -8.31
C THR B 50 -27.36 -25.82 -9.47
N ALA B 51 -27.14 -25.08 -10.55
CA ALA B 51 -27.89 -25.40 -11.76
C ALA B 51 -27.26 -26.60 -12.45
N ARG B 52 -25.93 -26.59 -12.62
CA ARG B 52 -25.24 -27.70 -13.26
C ARG B 52 -25.55 -29.03 -12.58
N GLY B 53 -25.85 -28.99 -11.28
CA GLY B 53 -26.01 -30.18 -10.48
C GLY B 53 -24.96 -30.37 -9.40
N ASP B 54 -24.07 -29.40 -9.21
CA ASP B 54 -23.02 -29.52 -8.19
C ASP B 54 -23.63 -29.60 -6.79
N ASP B 55 -23.07 -30.48 -5.98
CA ASP B 55 -23.46 -30.58 -4.58
C ASP B 55 -22.32 -31.39 -3.95
N ASP B 56 -21.30 -30.68 -3.51
CA ASP B 56 -20.13 -31.36 -2.99
C ASP B 56 -20.45 -32.07 -1.68
N LEU B 57 -21.35 -31.49 -0.88
CA LEU B 57 -21.82 -32.20 0.30
C LEU B 57 -22.40 -33.55 -0.10
N ALA B 58 -23.16 -33.60 -1.17
CA ALA B 58 -23.75 -34.87 -1.59
C ALA B 58 -22.66 -35.83 -2.06
N GLU B 59 -21.75 -35.34 -2.89
N GLU B 59 -21.74 -35.35 -2.90
CA GLU B 59 -20.63 -36.15 -3.35
CA GLU B 59 -20.67 -36.22 -3.36
C GLU B 59 -19.86 -36.76 -2.19
C GLU B 59 -19.83 -36.77 -2.19
N VAL B 60 -19.73 -36.03 -1.09
CA VAL B 60 -18.99 -36.58 0.05
C VAL B 60 -19.83 -37.60 0.79
N GLY B 61 -21.13 -37.34 0.94
CA GLY B 61 -22.00 -38.33 1.55
C GLY B 61 -22.03 -39.60 0.73
N ARG B 62 -22.08 -39.45 -0.60
CA ARG B 62 -22.11 -40.59 -1.51
C ARG B 62 -20.78 -41.34 -1.51
N LEU B 63 -19.66 -40.64 -1.53
CA LEU B 63 -18.39 -41.33 -1.71
C LEU B 63 -17.85 -41.92 -0.43
N ALA B 64 -18.13 -41.28 0.70
CA ALA B 64 -17.47 -41.61 1.94
C ALA B 64 -18.42 -41.91 3.09
N GLY B 65 -19.72 -41.73 2.89
CA GLY B 65 -20.67 -42.15 3.90
C GLY B 65 -20.89 -41.18 5.02
N VAL B 66 -20.45 -39.93 4.88
CA VAL B 66 -20.68 -38.93 5.92
C VAL B 66 -22.17 -38.58 5.97
N THR B 67 -22.72 -38.48 7.19
CA THR B 67 -24.07 -37.99 7.32
C THR B 67 -24.14 -36.60 7.95
N GLN B 68 -23.17 -36.27 8.80
CA GLN B 68 -23.07 -34.91 9.35
C GLN B 68 -22.49 -34.03 8.25
N LEU B 69 -23.36 -33.28 7.56
CA LEU B 69 -23.10 -32.62 6.30
C LEU B 69 -23.82 -31.28 6.34
N ALA B 70 -23.08 -30.20 6.60
CA ALA B 70 -23.68 -28.91 6.94
C ALA B 70 -23.32 -27.86 5.92
N GLY B 71 -24.34 -27.16 5.41
CA GLY B 71 -24.13 -26.05 4.50
C GLY B 71 -25.13 -24.94 4.80
N LEU B 72 -24.83 -23.74 4.30
CA LEU B 72 -25.66 -22.56 4.56
C LEU B 72 -26.27 -21.95 3.31
N ALA B 73 -25.52 -21.86 2.23
CA ALA B 73 -26.01 -21.19 1.06
C ALA B 73 -25.65 -21.99 -0.19
N ARG B 74 -26.54 -21.93 -1.17
CA ARG B 74 -26.44 -22.63 -2.43
C ARG B 74 -26.77 -21.64 -3.54
N TYR B 75 -25.84 -21.48 -4.49
CA TYR B 75 -25.99 -20.53 -5.58
C TYR B 75 -26.00 -21.23 -6.93
N PRO B 76 -26.97 -20.93 -7.79
CA PRO B 76 -27.09 -21.67 -9.07
C PRO B 76 -25.90 -21.50 -10.00
N GLN B 77 -25.40 -20.27 -10.15
CA GLN B 77 -24.35 -19.98 -11.12
C GLN B 77 -23.06 -20.68 -10.73
N PRO B 78 -22.28 -21.15 -11.70
CA PRO B 78 -20.92 -21.67 -11.43
C PRO B 78 -19.84 -20.60 -11.45
N MET B 79 -19.84 -19.75 -10.43
CA MET B 79 -18.82 -18.70 -10.25
C MET B 79 -18.30 -18.79 -8.83
N ALA B 80 -17.27 -18.00 -8.55
CA ALA B 80 -16.96 -17.75 -7.16
C ALA B 80 -18.23 -17.31 -6.45
N PRO B 81 -18.38 -17.65 -5.16
CA PRO B 81 -19.54 -17.20 -4.39
C PRO B 81 -20.00 -15.78 -4.70
N ALA B 82 -19.15 -14.77 -4.42
CA ALA B 82 -19.54 -13.38 -4.56
C ALA B 82 -20.23 -13.12 -5.89
N ALA B 83 -19.62 -13.59 -6.98
CA ALA B 83 -20.15 -13.39 -8.32
C ALA B 83 -21.54 -13.98 -8.46
N ALA B 84 -21.72 -15.22 -7.97
CA ALA B 84 -23.00 -15.93 -8.07
C ALA B 84 -24.05 -15.34 -7.14
N ALA B 85 -23.64 -14.78 -6.00
CA ALA B 85 -24.57 -14.10 -5.12
C ALA B 85 -25.04 -12.78 -5.73
N GLU B 86 -24.11 -12.02 -6.31
CA GLU B 86 -24.48 -10.82 -7.04
C GLU B 86 -25.33 -11.12 -8.26
N HIS B 87 -25.10 -12.27 -8.91
CA HIS B 87 -25.96 -12.65 -10.02
C HIS B 87 -27.36 -13.03 -9.54
N ALA B 88 -27.49 -13.52 -8.32
CA ALA B 88 -28.79 -13.91 -7.79
C ALA B 88 -29.56 -12.73 -7.21
N GLY B 89 -28.90 -11.62 -6.92
CA GLY B 89 -29.52 -10.55 -6.16
C GLY B 89 -29.63 -10.85 -4.70
N MET B 90 -28.62 -11.49 -4.11
CA MET B 90 -28.73 -12.06 -2.78
C MET B 90 -27.38 -11.98 -2.10
N ALA B 91 -27.36 -11.57 -0.83
CA ALA B 91 -26.10 -11.51 -0.11
C ALA B 91 -25.55 -12.91 0.17
N LEU B 92 -24.40 -12.94 0.70
CA LEU B 92 -23.73 -14.14 1.14
C LEU B 92 -23.95 -14.34 2.64
N PRO B 93 -23.90 -15.57 3.15
CA PRO B 93 -24.06 -15.75 4.59
C PRO B 93 -23.06 -14.87 5.33
N ALA B 94 -23.38 -14.55 6.58
CA ALA B 94 -22.46 -13.71 7.33
C ALA B 94 -21.35 -14.58 7.90
N ARG B 95 -20.20 -13.95 8.15
CA ARG B 95 -19.11 -14.64 8.81
C ARG B 95 -19.58 -15.30 10.09
N ASP B 96 -20.49 -14.63 10.80
CA ASP B 96 -21.00 -15.15 12.05
C ASP B 96 -21.66 -16.51 11.85
N GLN B 97 -22.45 -16.64 10.78
CA GLN B 97 -23.19 -17.88 10.53
C GLN B 97 -22.23 -19.03 10.31
N ILE B 98 -21.06 -18.76 9.75
CA ILE B 98 -20.15 -19.83 9.33
C ILE B 98 -19.40 -20.36 10.52
N VAL B 99 -18.83 -19.46 11.31
CA VAL B 99 -18.01 -19.87 12.46
C VAL B 99 -18.90 -20.48 13.54
N ARG B 100 -20.07 -19.89 13.80
CA ARG B 100 -21.01 -20.49 14.73
C ARG B 100 -21.46 -21.87 14.23
N LEU B 101 -21.74 -21.98 12.92
CA LEU B 101 -22.09 -23.29 12.37
C LEU B 101 -21.00 -24.31 12.62
N ILE B 102 -19.75 -23.95 12.26
CA ILE B 102 -18.62 -24.86 12.38
C ILE B 102 -18.35 -25.22 13.83
N ALA B 103 -18.60 -24.28 14.75
CA ALA B 103 -18.34 -24.53 16.16
C ALA B 103 -19.40 -25.46 16.76
N ASP B 104 -20.68 -25.23 16.44
CA ASP B 104 -21.71 -26.22 16.78
C ASP B 104 -21.33 -27.60 16.29
N LEU B 105 -20.84 -27.67 15.04
CA LEU B 105 -20.45 -28.94 14.45
C LEU B 105 -19.35 -29.64 15.24
N ASP B 106 -18.43 -28.87 15.83
CA ASP B 106 -17.22 -29.48 16.39
C ASP B 106 -17.54 -30.17 17.69
N ARG B 107 -16.90 -31.31 17.93
CA ARG B 107 -17.06 -32.01 19.20
C ARG B 107 -15.90 -32.99 19.36
N PRO B 108 -15.65 -33.46 20.58
CA PRO B 108 -14.45 -34.27 20.83
C PRO B 108 -14.52 -35.62 20.15
N GLY B 109 -13.40 -36.02 19.57
CA GLY B 109 -13.41 -37.22 18.78
C GLY B 109 -13.98 -37.08 17.39
N ARG B 110 -14.40 -35.87 17.00
CA ARG B 110 -15.00 -35.61 15.70
C ARG B 110 -14.05 -34.80 14.83
N LEU B 111 -13.65 -35.37 13.70
CA LEU B 111 -12.96 -34.63 12.64
C LEU B 111 -14.00 -33.86 11.85
N THR B 112 -14.01 -32.55 12.00
CA THR B 112 -14.91 -31.70 11.24
C THR B 112 -14.13 -31.08 10.09
N LEU B 113 -14.37 -31.58 8.87
CA LEU B 113 -13.76 -31.02 7.68
C LEU B 113 -14.56 -29.82 7.19
N VAL B 114 -13.85 -28.73 6.91
CA VAL B 114 -14.44 -27.46 6.48
C VAL B 114 -13.97 -27.21 5.06
N GLU B 115 -14.90 -27.20 4.11
CA GLU B 115 -14.57 -27.07 2.70
C GLU B 115 -14.94 -25.68 2.20
N GLY B 116 -13.99 -25.00 1.55
CA GLY B 116 -14.24 -23.72 0.93
C GLY B 116 -14.58 -23.85 -0.54
N ALA B 117 -14.74 -22.70 -1.19
CA ALA B 117 -14.89 -22.64 -2.64
C ALA B 117 -13.66 -22.00 -3.27
N GLY B 118 -13.25 -22.52 -4.43
CA GLY B 118 -12.08 -22.07 -5.14
C GLY B 118 -10.86 -22.07 -4.23
N GLY B 119 -9.99 -21.08 -4.46
CA GLY B 119 -8.76 -20.97 -3.71
C GLY B 119 -8.98 -20.35 -2.35
N LEU B 120 -7.88 -20.25 -1.61
CA LEU B 120 -7.91 -19.86 -0.19
C LEU B 120 -8.53 -18.48 0.01
N LEU B 121 -8.18 -17.52 -0.85
CA LEU B 121 -8.60 -16.15 -0.67
C LEU B 121 -9.82 -15.79 -1.50
N VAL B 122 -10.73 -16.70 -1.71
CA VAL B 122 -11.94 -16.26 -2.38
C VAL B 122 -12.94 -15.87 -1.31
N GLU B 123 -13.78 -14.89 -1.66
CA GLU B 123 -14.75 -14.39 -0.71
C GLU B 123 -15.80 -15.47 -0.45
N LEU B 124 -15.93 -15.86 0.81
CA LEU B 124 -17.00 -16.76 1.24
C LEU B 124 -18.18 -16.01 1.85
N ALA B 125 -17.92 -15.09 2.77
CA ALA B 125 -18.96 -14.40 3.51
C ALA B 125 -18.79 -12.89 3.39
N GLU B 126 -19.79 -12.19 3.79
CA GLU B 126 -19.61 -10.76 3.85
C GLU B 126 -19.28 -10.33 5.26
N PRO B 127 -18.45 -9.27 5.41
CA PRO B 127 -17.83 -8.55 4.29
C PRO B 127 -16.37 -8.94 4.03
N GLY B 128 -16.13 -9.48 2.83
CA GLY B 128 -14.79 -9.80 2.37
C GLY B 128 -14.12 -10.97 3.05
N VAL B 129 -14.87 -11.85 3.69
CA VAL B 129 -14.30 -12.89 4.52
C VAL B 129 -13.91 -14.09 3.67
N THR B 130 -12.74 -14.67 3.97
CA THR B 130 -12.20 -15.82 3.24
C THR B 130 -12.23 -17.07 4.10
N LEU B 131 -11.88 -18.18 3.47
CA LEU B 131 -11.65 -19.39 4.24
C LEU B 131 -10.47 -19.24 5.19
N ARG B 132 -9.50 -18.41 4.83
CA ARG B 132 -8.40 -18.19 5.76
C ARG B 132 -8.90 -17.57 7.05
N ASP B 133 -9.81 -16.60 6.94
CA ASP B 133 -10.36 -15.94 8.11
C ASP B 133 -11.14 -16.94 8.96
N VAL B 134 -12.02 -17.70 8.32
CA VAL B 134 -12.77 -18.72 9.03
C VAL B 134 -11.82 -19.68 9.73
N ALA B 135 -10.71 -20.01 9.10
CA ALA B 135 -9.79 -20.98 9.70
C ALA B 135 -9.05 -20.39 10.89
N VAL B 136 -8.93 -19.06 10.96
CA VAL B 136 -8.37 -18.43 12.15
C VAL B 136 -9.38 -18.47 13.29
N ASP B 137 -10.60 -17.98 13.02
CA ASP B 137 -11.64 -17.85 14.03
C ASP B 137 -11.99 -19.17 14.72
N VAL B 138 -11.61 -20.31 14.17
CA VAL B 138 -11.96 -21.58 14.80
C VAL B 138 -10.71 -22.40 15.10
N ALA B 139 -9.55 -21.74 15.17
CA ALA B 139 -8.27 -22.39 15.49
C ALA B 139 -8.06 -23.66 14.67
N ALA B 140 -8.43 -23.60 13.40
CA ALA B 140 -8.32 -24.75 12.50
C ALA B 140 -7.03 -24.68 11.69
N ALA B 141 -6.41 -25.84 11.49
CA ALA B 141 -5.30 -25.98 10.56
C ALA B 141 -5.83 -26.22 9.15
N ALA B 142 -4.96 -26.02 8.16
CA ALA B 142 -5.37 -26.09 6.76
C ALA B 142 -4.60 -27.19 6.03
N LEU B 143 -5.34 -28.01 5.29
CA LEU B 143 -4.82 -28.94 4.30
C LEU B 143 -4.97 -28.32 2.92
N VAL B 144 -3.99 -28.54 2.06
CA VAL B 144 -3.87 -27.79 0.81
C VAL B 144 -3.86 -28.78 -0.34
N VAL B 145 -4.85 -28.69 -1.20
CA VAL B 145 -4.99 -29.59 -2.33
C VAL B 145 -4.35 -28.94 -3.53
N VAL B 146 -3.49 -29.68 -4.20
CA VAL B 146 -2.62 -29.13 -5.21
C VAL B 146 -2.66 -30.07 -6.40
N THR B 147 -2.28 -29.54 -7.56
CA THR B 147 -2.13 -30.35 -8.75
C THR B 147 -0.68 -30.79 -8.88
N ALA B 148 -0.42 -31.55 -9.93
CA ALA B 148 0.94 -31.89 -10.36
C ALA B 148 1.32 -31.18 -11.65
N ASP B 149 0.45 -30.33 -12.17
CA ASP B 149 0.72 -29.65 -13.44
C ASP B 149 1.82 -28.60 -13.30
N LEU B 150 2.41 -28.29 -14.45
CA LEU B 150 3.29 -27.14 -14.61
C LEU B 150 2.69 -25.92 -13.92
N GLY B 151 3.44 -25.34 -12.99
CA GLY B 151 3.00 -24.16 -12.30
C GLY B 151 2.54 -24.36 -10.88
N THR B 152 2.56 -25.59 -10.38
CA THR B 152 1.90 -25.85 -9.11
C THR B 152 2.74 -25.44 -7.93
N LEU B 153 4.07 -25.46 -8.07
CA LEU B 153 4.90 -25.07 -6.95
C LEU B 153 4.65 -23.61 -6.55
N ASN B 154 4.50 -22.73 -7.55
CA ASN B 154 4.27 -21.32 -7.30
C ASN B 154 2.93 -21.10 -6.57
N HIS B 155 1.84 -21.59 -7.14
CA HIS B 155 0.55 -21.61 -6.47
C HIS B 155 0.64 -22.21 -5.06
N THR B 156 1.43 -23.27 -4.89
CA THR B 156 1.55 -23.88 -3.57
C THR B 156 2.24 -22.93 -2.60
N LYS B 157 3.44 -22.49 -2.97
CA LYS B 157 4.17 -21.56 -2.12
C LYS B 157 3.36 -20.31 -1.79
N LEU B 158 2.65 -19.74 -2.78
CA LEU B 158 1.75 -18.62 -2.53
C LEU B 158 0.71 -18.97 -1.48
N THR B 159 0.06 -20.12 -1.65
CA THR B 159 -0.99 -20.53 -0.73
C THR B 159 -0.38 -20.84 0.64
N LEU B 160 0.76 -21.51 0.65
CA LEU B 160 1.42 -21.84 1.91
C LEU B 160 1.86 -20.59 2.64
N GLU B 161 2.24 -19.55 1.89
CA GLU B 161 2.64 -18.28 2.48
C GLU B 161 1.44 -17.52 3.01
N ALA B 162 0.33 -17.52 2.25
CA ALA B 162 -0.85 -16.80 2.72
C ALA B 162 -1.38 -17.39 4.02
N LEU B 163 -1.13 -18.68 4.26
CA LEU B 163 -1.52 -19.29 5.54
C LEU B 163 -0.60 -18.82 6.66
N ALA B 164 0.71 -19.01 6.48
CA ALA B 164 1.67 -18.61 7.50
C ALA B 164 1.48 -17.15 7.88
N ALA B 165 1.19 -16.29 6.91
CA ALA B 165 0.99 -14.88 7.19
C ALA B 165 -0.12 -14.65 8.19
N GLN B 166 -1.06 -15.58 8.34
CA GLN B 166 -2.11 -15.45 9.33
C GLN B 166 -1.97 -16.46 10.46
N GLN B 167 -0.80 -17.08 10.60
CA GLN B 167 -0.57 -18.09 11.64
C GLN B 167 -1.58 -19.23 11.53
N VAL B 168 -1.96 -19.56 10.30
CA VAL B 168 -2.74 -20.76 10.02
C VAL B 168 -1.77 -21.90 9.71
N SER B 169 -1.87 -22.98 10.50
N SER B 169 -1.85 -22.97 10.51
CA SER B 169 -0.97 -24.10 10.35
CA SER B 169 -0.96 -24.09 10.34
C SER B 169 -1.30 -24.89 9.09
C SER B 169 -1.27 -24.82 9.04
N CYS B 170 -0.25 -25.46 8.48
CA CYS B 170 -0.39 -26.22 7.22
C CYS B 170 -0.26 -27.70 7.54
N ALA B 171 -1.40 -28.38 7.63
CA ALA B 171 -1.34 -29.81 7.87
C ALA B 171 -0.83 -30.58 6.67
N GLY B 172 -0.62 -29.93 5.54
CA GLY B 172 0.09 -30.56 4.45
C GLY B 172 -0.65 -30.50 3.14
N LEU B 173 -0.04 -31.11 2.12
CA LEU B 173 -0.57 -31.14 0.78
C LEU B 173 -1.16 -32.50 0.46
N VAL B 174 -2.13 -32.48 -0.46
CA VAL B 174 -2.62 -33.64 -1.19
C VAL B 174 -2.65 -33.27 -2.67
N ILE B 175 -2.05 -34.11 -3.50
CA ILE B 175 -2.22 -34.00 -4.95
C ILE B 175 -3.61 -34.53 -5.26
N GLY B 176 -4.53 -33.64 -5.63
CA GLY B 176 -5.90 -34.03 -5.84
C GLY B 176 -6.06 -35.09 -6.92
N SER B 177 -5.24 -35.00 -7.97
CA SER B 177 -5.32 -35.90 -9.13
C SER B 177 -3.91 -36.31 -9.52
N TRP B 178 -3.58 -37.60 -9.37
CA TRP B 178 -2.30 -38.13 -9.81
C TRP B 178 -2.49 -38.82 -11.15
N PRO B 179 -1.76 -38.43 -12.19
CA PRO B 179 -1.99 -39.01 -13.50
C PRO B 179 -1.34 -40.37 -13.63
N ASP B 180 -1.83 -41.15 -14.60
CA ASP B 180 -1.22 -42.41 -14.99
C ASP B 180 -1.11 -42.45 -16.51
N PRO B 181 0.11 -42.52 -17.07
CA PRO B 181 1.34 -42.47 -16.26
C PRO B 181 1.73 -41.01 -15.95
N PRO B 182 2.53 -40.78 -14.91
CA PRO B 182 2.83 -39.39 -14.51
C PRO B 182 3.30 -38.47 -15.65
N GLY B 183 4.55 -38.59 -16.07
CA GLY B 183 5.19 -37.64 -16.95
C GLY B 183 6.32 -36.91 -16.24
N LEU B 184 7.25 -36.37 -17.04
CA LEU B 184 8.41 -35.72 -16.44
C LEU B 184 7.99 -34.60 -15.50
N VAL B 185 7.00 -33.80 -15.92
CA VAL B 185 6.61 -32.62 -15.15
C VAL B 185 5.94 -33.03 -13.84
N ALA B 186 5.25 -34.18 -13.84
CA ALA B 186 4.48 -34.60 -12.67
C ALA B 186 5.37 -35.23 -11.61
N ALA B 187 6.28 -36.12 -12.04
CA ALA B 187 7.25 -36.66 -11.11
C ALA B 187 8.13 -35.56 -10.55
N SER B 188 8.49 -34.57 -11.37
CA SER B 188 9.36 -33.51 -10.90
C SER B 188 8.66 -32.66 -9.86
N ASN B 189 7.43 -32.24 -10.17
CA ASN B 189 6.66 -31.46 -9.21
C ASN B 189 6.38 -32.26 -7.95
N ARG B 190 6.07 -33.55 -8.11
CA ARG B 190 5.74 -34.34 -6.93
C ARG B 190 6.90 -34.34 -5.96
N SER B 191 8.11 -34.46 -6.49
N SER B 191 8.13 -34.47 -6.48
CA SER B 191 9.30 -34.43 -5.63
CA SER B 191 9.28 -34.43 -5.59
C SER B 191 9.56 -33.03 -5.09
C SER B 191 9.55 -33.02 -5.07
N ALA B 192 9.35 -32.01 -5.93
CA ALA B 192 9.57 -30.64 -5.48
C ALA B 192 8.53 -30.22 -4.46
N LEU B 193 7.27 -30.64 -4.66
CA LEU B 193 6.25 -30.42 -3.64
C LEU B 193 6.65 -31.04 -2.31
N ALA B 194 7.29 -32.22 -2.38
CA ALA B 194 7.70 -32.93 -1.17
C ALA B 194 8.73 -32.14 -0.37
N ARG B 195 9.60 -31.37 -1.03
CA ARG B 195 10.51 -30.58 -0.21
C ARG B 195 9.82 -29.36 0.38
N ILE B 196 8.71 -28.95 -0.22
CA ILE B 196 8.00 -27.75 0.22
C ILE B 196 7.18 -28.04 1.47
N ALA B 197 6.54 -29.20 1.54
CA ALA B 197 5.71 -29.55 2.70
C ALA B 197 5.42 -31.04 2.66
N MET B 198 4.94 -31.56 3.78
CA MET B 198 4.56 -32.96 3.86
C MET B 198 3.41 -33.26 2.91
N VAL B 199 3.60 -34.27 2.07
CA VAL B 199 2.59 -34.72 1.11
C VAL B 199 1.87 -35.92 1.72
N ARG B 200 0.57 -35.78 1.93
CA ARG B 200 -0.12 -36.78 2.70
C ARG B 200 -0.78 -37.84 1.84
N ALA B 201 -0.91 -37.58 0.54
CA ALA B 201 -1.56 -38.50 -0.39
C ALA B 201 -1.55 -37.90 -1.79
N ALA B 202 -1.67 -38.78 -2.77
CA ALA B 202 -1.81 -38.41 -4.18
C ALA B 202 -2.91 -39.28 -4.74
N LEU B 203 -4.08 -38.70 -5.00
CA LEU B 203 -5.24 -39.51 -5.34
C LEU B 203 -5.16 -39.91 -6.80
N PRO B 204 -5.21 -41.20 -7.12
CA PRO B 204 -5.27 -41.62 -8.52
C PRO B 204 -6.34 -40.84 -9.29
N ALA B 205 -6.01 -40.55 -10.54
CA ALA B 205 -6.91 -39.80 -11.41
C ALA B 205 -8.23 -40.53 -11.60
N GLY B 206 -9.32 -39.77 -11.69
CA GLY B 206 -10.62 -40.35 -11.95
C GLY B 206 -11.30 -40.97 -10.75
N ALA B 207 -10.71 -40.83 -9.56
CA ALA B 207 -11.21 -41.50 -8.37
C ALA B 207 -12.61 -41.05 -7.98
N ALA B 208 -13.02 -39.86 -8.43
CA ALA B 208 -14.31 -39.32 -8.01
C ALA B 208 -15.48 -40.01 -8.67
N SER B 209 -15.25 -40.96 -9.58
CA SER B 209 -16.32 -41.71 -10.23
C SER B 209 -16.45 -43.12 -9.69
N LEU B 210 -15.72 -43.47 -8.64
CA LEU B 210 -15.76 -44.82 -8.12
C LEU B 210 -17.03 -45.02 -7.28
N ASP B 211 -17.44 -46.29 -7.18
CA ASP B 211 -18.49 -46.64 -6.23
C ASP B 211 -17.95 -46.53 -4.81
N ALA B 212 -18.86 -46.54 -3.85
CA ALA B 212 -18.46 -46.19 -2.49
C ALA B 212 -17.49 -47.20 -1.91
N GLY B 213 -17.54 -48.45 -2.37
CA GLY B 213 -16.60 -49.47 -1.93
C GLY B 213 -15.20 -49.26 -2.48
N ASP B 214 -15.06 -49.18 -3.82
CA ASP B 214 -13.77 -48.86 -4.44
C ASP B 214 -13.15 -47.63 -3.79
N PHE B 215 -13.93 -46.55 -3.70
CA PHE B 215 -13.42 -45.32 -3.13
C PHE B 215 -12.82 -45.55 -1.75
N ALA B 216 -13.53 -46.29 -0.89
CA ALA B 216 -13.05 -46.46 0.48
C ALA B 216 -11.75 -47.25 0.50
N ALA B 217 -11.51 -48.06 -0.54
CA ALA B 217 -10.23 -48.77 -0.66
C ALA B 217 -9.12 -47.81 -1.02
N MET B 218 -9.28 -47.11 -2.15
CA MET B 218 -8.34 -46.07 -2.55
C MET B 218 -8.01 -45.13 -1.39
N SER B 219 -9.03 -44.64 -0.67
CA SER B 219 -8.75 -43.69 0.41
C SER B 219 -8.07 -44.35 1.57
N ALA B 220 -8.39 -45.62 1.79
CA ALA B 220 -7.72 -46.40 2.82
C ALA B 220 -6.22 -46.45 2.55
N ALA B 221 -5.87 -46.75 1.30
CA ALA B 221 -4.47 -46.86 0.90
C ALA B 221 -3.81 -45.50 0.81
N ALA B 222 -4.46 -44.54 0.11
CA ALA B 222 -3.81 -43.28 -0.28
C ALA B 222 -3.15 -42.57 0.90
N PHE B 223 -3.86 -42.49 2.02
CA PHE B 223 -3.32 -41.82 3.19
C PHE B 223 -2.48 -42.76 4.05
N ASP B 224 -1.90 -42.20 5.09
CA ASP B 224 -1.02 -42.92 5.99
C ASP B 224 -1.79 -43.15 7.29
N ARG B 225 -1.96 -44.43 7.63
CA ARG B 225 -2.77 -44.82 8.78
C ARG B 225 -2.44 -43.99 10.02
N ASN B 226 -1.14 -43.81 10.30
CA ASN B 226 -0.77 -43.20 11.58
C ASN B 226 -1.13 -41.73 11.61
N TRP B 227 -0.82 -40.99 10.53
CA TRP B 227 -1.16 -39.57 10.51
C TRP B 227 -2.67 -39.38 10.65
N VAL B 228 -3.47 -40.14 9.89
CA VAL B 228 -4.93 -40.08 9.99
C VAL B 228 -5.37 -40.27 11.43
N ALA B 229 -5.03 -41.44 12.00
CA ALA B 229 -5.50 -41.76 13.33
C ALA B 229 -5.07 -40.71 14.35
N GLY B 230 -3.93 -40.06 14.11
CA GLY B 230 -3.42 -39.07 15.05
C GLY B 230 -4.03 -37.69 14.86
N LEU B 231 -5.25 -37.63 14.34
CA LEU B 231 -5.92 -36.35 14.17
C LEU B 231 -6.98 -36.09 15.23
N VAL B 232 -7.35 -37.11 16.02
CA VAL B 232 -8.24 -37.05 17.20
C VAL B 232 -8.32 -35.64 17.85
N GLY C 7 -22.26 5.49 -11.15
CA GLY C 7 -22.45 5.79 -9.74
C GLY C 7 -22.80 7.24 -9.44
N GLY C 8 -22.43 7.71 -8.24
CA GLY C 8 -22.71 9.07 -7.80
C GLY C 8 -21.47 9.96 -7.67
N THR C 9 -21.43 10.84 -6.66
CA THR C 9 -20.27 11.73 -6.44
C THR C 9 -19.68 11.49 -5.05
N ILE C 10 -18.51 10.82 -5.00
CA ILE C 10 -17.74 10.57 -3.78
C ILE C 10 -16.76 11.70 -3.56
N LEU C 11 -16.55 12.09 -2.30
CA LEU C 11 -15.73 13.27 -2.02
C LEU C 11 -15.07 13.13 -0.65
N VAL C 12 -13.75 12.87 -0.60
CA VAL C 12 -13.08 12.78 0.70
C VAL C 12 -12.90 14.18 1.26
N VAL C 13 -12.99 14.27 2.59
CA VAL C 13 -12.71 15.47 3.37
C VAL C 13 -11.53 15.15 4.28
N THR C 14 -10.38 15.75 3.99
CA THR C 14 -9.18 15.51 4.78
C THR C 14 -8.68 16.84 5.36
N GLY C 15 -7.47 16.81 5.90
CA GLY C 15 -6.93 18.06 6.40
C GLY C 15 -5.41 18.02 6.46
N THR C 16 -4.86 19.17 6.83
CA THR C 16 -3.43 19.35 6.97
C THR C 16 -2.86 18.64 8.18
N GLY C 17 -3.71 17.99 8.95
CA GLY C 17 -3.36 17.52 10.27
C GLY C 17 -4.61 17.43 11.11
N THR C 18 -4.41 17.49 12.40
CA THR C 18 -5.43 17.16 13.37
C THR C 18 -6.05 18.40 13.99
N GLY C 19 -7.30 18.26 14.40
CA GLY C 19 -7.98 19.40 15.00
C GLY C 19 -8.06 20.59 14.08
N VAL C 20 -8.03 20.36 12.76
CA VAL C 20 -8.21 21.43 11.79
C VAL C 20 -9.69 21.71 11.52
N GLY C 21 -10.59 20.78 11.86
CA GLY C 21 -12.01 21.00 11.68
C GLY C 21 -12.66 20.12 10.64
N LYS C 22 -12.08 18.96 10.37
CA LYS C 22 -12.66 18.02 9.40
C LYS C 22 -14.13 17.73 9.74
N THR C 23 -14.39 17.34 11.00
CA THR C 23 -15.70 16.84 11.40
C THR C 23 -16.80 17.90 11.26
N VAL C 24 -16.50 19.16 11.54
CA VAL C 24 -17.57 20.13 11.41
C VAL C 24 -17.65 20.74 10.02
N VAL C 25 -16.58 20.67 9.22
CA VAL C 25 -16.73 21.03 7.80
C VAL C 25 -17.55 19.96 7.10
N CYS C 26 -17.28 18.69 7.39
CA CYS C 26 -18.15 17.61 6.98
C CYS C 26 -19.61 17.94 7.25
N ALA C 27 -19.94 18.18 8.52
CA ALA C 27 -21.32 18.51 8.85
C ALA C 27 -21.79 19.75 8.11
N ALA C 28 -20.94 20.79 8.04
CA ALA C 28 -21.36 22.03 7.40
C ALA C 28 -21.73 21.81 5.94
N LEU C 29 -20.86 21.12 5.20
CA LEU C 29 -21.10 20.94 3.77
C LEU C 29 -22.30 20.03 3.55
N ALA C 30 -22.34 18.90 4.26
CA ALA C 30 -23.48 17.99 4.21
C ALA C 30 -24.77 18.72 4.51
N SER C 31 -24.73 19.71 5.40
CA SER C 31 -25.90 20.55 5.66
C SER C 31 -26.24 21.41 4.43
N ALA C 32 -25.26 22.18 3.95
CA ALA C 32 -25.51 22.98 2.75
C ALA C 32 -25.97 22.12 1.58
N ALA C 33 -25.57 20.86 1.56
CA ALA C 33 -26.02 19.96 0.51
C ALA C 33 -27.48 19.57 0.69
N ARG C 34 -27.81 18.94 1.82
CA ARG C 34 -29.19 18.53 2.08
C ARG C 34 -30.16 19.70 2.02
N GLN C 35 -29.66 20.94 2.19
CA GLN C 35 -30.42 22.16 1.95
C GLN C 35 -30.48 22.55 0.48
N ALA C 36 -30.01 21.68 -0.41
CA ALA C 36 -30.12 21.85 -1.85
C ALA C 36 -30.68 20.59 -2.48
N GLY C 37 -31.63 19.96 -1.81
CA GLY C 37 -32.28 18.79 -2.35
C GLY C 37 -31.35 17.64 -2.68
N ILE C 38 -30.14 17.64 -2.13
CA ILE C 38 -29.14 16.63 -2.45
C ILE C 38 -29.18 15.54 -1.40
N ASP C 39 -29.20 14.28 -1.85
CA ASP C 39 -29.06 13.14 -0.95
C ASP C 39 -27.61 13.07 -0.46
N VAL C 40 -27.42 13.11 0.85
CA VAL C 40 -26.10 13.11 1.45
C VAL C 40 -25.95 11.88 2.33
N ALA C 41 -24.93 11.07 2.06
CA ALA C 41 -24.37 10.15 3.03
C ALA C 41 -23.12 10.78 3.61
N VAL C 42 -22.75 10.35 4.81
CA VAL C 42 -21.43 10.66 5.37
C VAL C 42 -20.87 9.35 5.92
N CYS C 43 -19.62 9.08 5.60
CA CYS C 43 -18.97 7.85 5.98
C CYS C 43 -17.67 8.18 6.70
N LYS C 44 -17.34 7.40 7.72
CA LYS C 44 -16.11 7.57 8.51
C LYS C 44 -15.44 6.22 8.67
N PRO C 45 -14.65 5.80 7.69
CA PRO C 45 -14.04 4.46 7.72
C PRO C 45 -13.23 4.14 8.96
N VAL C 46 -12.64 5.13 9.62
CA VAL C 46 -11.90 4.90 10.86
C VAL C 46 -12.26 6.00 11.85
N GLN C 47 -12.78 5.60 13.00
CA GLN C 47 -12.90 6.47 14.16
C GLN C 47 -11.92 5.99 15.22
N THR C 48 -11.28 6.93 15.89
CA THR C 48 -10.45 6.64 17.05
C THR C 48 -10.92 7.57 18.14
N GLY C 49 -10.37 7.40 19.33
CA GLY C 49 -10.76 8.26 20.44
C GLY C 49 -12.16 8.08 20.99
N THR C 50 -12.74 6.87 20.90
CA THR C 50 -14.03 6.70 21.55
C THR C 50 -13.88 6.75 23.07
N ALA C 51 -12.72 6.35 23.60
CA ALA C 51 -12.45 6.43 25.03
C ALA C 51 -12.59 7.84 25.56
N ARG C 52 -12.42 8.86 24.71
CA ARG C 52 -12.72 10.24 25.05
C ARG C 52 -14.18 10.59 24.80
N GLY C 53 -14.92 9.72 24.11
CA GLY C 53 -16.28 10.01 23.73
C GLY C 53 -16.46 10.41 22.29
N ASP C 54 -15.37 10.40 21.50
CA ASP C 54 -15.42 10.88 20.12
C ASP C 54 -16.37 10.02 19.31
N ASP C 55 -17.31 10.67 18.65
CA ASP C 55 -18.03 10.02 17.55
C ASP C 55 -18.38 11.12 16.55
N ASP C 56 -17.63 11.15 15.45
CA ASP C 56 -17.78 12.19 14.44
C ASP C 56 -19.05 12.00 13.62
N LEU C 57 -19.37 10.74 13.28
CA LEU C 57 -20.65 10.44 12.65
C LEU C 57 -21.78 10.94 13.52
N ALA C 58 -21.77 10.56 14.80
CA ALA C 58 -22.76 11.09 15.71
C ALA C 58 -22.77 12.59 15.68
N GLU C 59 -21.59 13.23 15.70
CA GLU C 59 -21.55 14.68 15.70
C GLU C 59 -22.03 15.25 14.36
N VAL C 60 -21.83 14.55 13.25
CA VAL C 60 -22.35 15.03 11.97
C VAL C 60 -23.84 14.72 11.84
N GLY C 61 -24.22 13.47 12.13
CA GLY C 61 -25.63 13.12 12.19
C GLY C 61 -26.42 14.03 13.10
N ARG C 62 -25.80 14.49 14.19
CA ARG C 62 -26.41 15.49 15.05
C ARG C 62 -26.48 16.85 14.35
N LEU C 63 -25.31 17.37 13.94
CA LEU C 63 -25.21 18.78 13.51
C LEU C 63 -26.03 19.07 12.26
N ALA C 64 -26.03 18.15 11.30
CA ALA C 64 -26.71 18.39 10.04
C ALA C 64 -27.87 17.44 9.77
N GLY C 65 -28.02 16.37 10.55
CA GLY C 65 -29.15 15.47 10.37
C GLY C 65 -28.99 14.44 9.29
N VAL C 66 -27.77 14.01 9.01
CA VAL C 66 -27.57 12.95 8.02
C VAL C 66 -27.93 11.62 8.67
N THR C 67 -28.98 10.98 8.14
CA THR C 67 -29.38 9.67 8.63
C THR C 67 -28.56 8.56 8.03
N GLN C 68 -28.00 8.79 6.84
CA GLN C 68 -27.23 7.79 6.11
C GLN C 68 -25.79 7.94 6.58
N LEU C 69 -25.42 7.15 7.59
CA LEU C 69 -24.11 7.21 8.22
C LEU C 69 -23.58 5.78 8.38
N ALA C 70 -22.42 5.50 7.78
CA ALA C 70 -21.83 4.16 7.81
C ALA C 70 -20.40 4.28 8.30
N GLY C 71 -20.16 3.90 9.54
CA GLY C 71 -18.81 3.76 10.05
C GLY C 71 -18.25 2.38 9.73
N LEU C 72 -17.17 2.05 10.43
CA LEU C 72 -16.48 0.80 10.19
C LEU C 72 -15.55 0.51 11.37
N ALA C 73 -14.25 0.62 11.16
CA ALA C 73 -13.31 0.35 12.25
C ALA C 73 -13.44 1.41 13.32
N ARG C 74 -13.18 1.00 14.56
CA ARG C 74 -13.28 1.91 15.69
C ARG C 74 -12.27 1.44 16.74
N TYR C 75 -11.70 2.40 17.45
CA TYR C 75 -10.65 2.14 18.44
C TYR C 75 -10.84 3.16 19.54
N PRO C 76 -10.45 2.85 20.78
CA PRO C 76 -10.80 3.73 21.89
C PRO C 76 -9.83 4.89 22.05
N GLN C 77 -8.53 4.62 21.89
CA GLN C 77 -7.48 5.60 22.17
C GLN C 77 -7.42 6.69 21.10
N PRO C 78 -7.33 7.97 21.50
CA PRO C 78 -7.29 9.10 20.54
C PRO C 78 -5.89 9.33 20.01
N MET C 79 -5.51 8.49 19.05
CA MET C 79 -4.19 8.52 18.45
C MET C 79 -4.33 8.03 17.01
N ALA C 80 -3.20 7.93 16.32
CA ALA C 80 -3.12 7.38 14.98
C ALA C 80 -3.86 6.06 14.96
N PRO C 81 -4.46 5.70 13.83
CA PRO C 81 -5.20 4.43 13.76
C PRO C 81 -4.36 3.22 14.12
N ALA C 82 -3.23 3.03 13.44
CA ALA C 82 -2.34 1.92 13.78
C ALA C 82 -1.87 2.00 15.21
N ALA C 83 -1.82 3.20 15.78
CA ALA C 83 -1.44 3.33 17.18
C ALA C 83 -2.54 2.80 18.08
N ALA C 84 -3.77 3.23 17.83
CA ALA C 84 -4.89 2.87 18.69
C ALA C 84 -5.40 1.47 18.43
N ALA C 85 -5.07 0.91 17.26
CA ALA C 85 -5.34 -0.50 17.01
C ALA C 85 -4.39 -1.38 17.80
N GLU C 86 -3.13 -1.00 17.88
CA GLU C 86 -2.18 -1.83 18.62
C GLU C 86 -2.46 -1.79 20.11
N HIS C 87 -2.74 -0.60 20.64
CA HIS C 87 -3.03 -0.45 22.06
C HIS C 87 -4.32 -1.14 22.45
N ALA C 88 -5.21 -1.39 21.50
CA ALA C 88 -6.43 -2.16 21.72
C ALA C 88 -6.35 -3.54 21.07
N GLY C 89 -5.14 -4.00 20.76
CA GLY C 89 -4.89 -5.35 20.29
C GLY C 89 -5.55 -5.75 18.97
N MET C 90 -6.25 -4.82 18.34
CA MET C 90 -7.06 -5.06 17.15
C MET C 90 -6.27 -4.80 15.88
N ALA C 91 -6.96 -4.86 14.75
CA ALA C 91 -6.34 -4.64 13.45
C ALA C 91 -7.06 -3.51 12.71
N LEU C 92 -6.29 -2.77 11.91
CA LEU C 92 -6.85 -1.79 11.00
C LEU C 92 -7.75 -2.48 9.99
N PRO C 93 -8.66 -1.73 9.37
CA PRO C 93 -9.46 -2.32 8.28
C PRO C 93 -8.59 -2.70 7.09
N ALA C 94 -9.21 -3.41 6.15
CA ALA C 94 -8.55 -3.77 4.90
C ALA C 94 -8.90 -2.75 3.83
N ARG C 95 -7.99 -2.57 2.87
CA ARG C 95 -8.19 -1.56 1.84
C ARG C 95 -9.53 -1.75 1.16
N ASP C 96 -9.72 -2.92 0.54
CA ASP C 96 -10.98 -3.20 -0.16
C ASP C 96 -12.17 -3.29 0.79
N GLN C 97 -11.95 -3.41 2.10
CA GLN C 97 -13.06 -3.29 3.03
C GLN C 97 -13.47 -1.83 3.18
N ILE C 98 -12.51 -0.91 3.19
CA ILE C 98 -12.83 0.51 3.21
C ILE C 98 -13.53 0.92 1.93
N VAL C 99 -13.00 0.46 0.79
CA VAL C 99 -13.62 0.73 -0.50
C VAL C 99 -15.04 0.17 -0.54
N ARG C 100 -15.20 -1.12 -0.23
CA ARG C 100 -16.53 -1.74 -0.28
C ARG C 100 -17.52 -0.97 0.56
N LEU C 101 -17.09 -0.46 1.71
CA LEU C 101 -17.94 0.41 2.51
C LEU C 101 -18.29 1.69 1.75
N ILE C 102 -17.35 2.19 0.94
CA ILE C 102 -17.62 3.40 0.18
C ILE C 102 -18.47 3.08 -1.04
N ALA C 103 -18.25 1.93 -1.66
CA ALA C 103 -19.04 1.53 -2.83
C ALA C 103 -20.48 1.24 -2.43
N ASP C 104 -20.68 0.35 -1.44
CA ASP C 104 -22.02 0.05 -0.96
C ASP C 104 -22.80 1.31 -0.62
N LEU C 105 -22.09 2.42 -0.35
CA LEU C 105 -22.71 3.67 0.06
C LEU C 105 -23.04 4.57 -1.11
N ASP C 106 -22.23 4.55 -2.16
CA ASP C 106 -22.37 5.50 -3.24
C ASP C 106 -23.50 5.08 -4.18
N ARG C 107 -24.39 6.02 -4.48
CA ARG C 107 -25.53 5.80 -5.36
C ARG C 107 -25.62 6.93 -6.37
N PRO C 108 -26.03 6.65 -7.60
CA PRO C 108 -26.17 7.73 -8.58
C PRO C 108 -27.09 8.84 -8.14
N GLY C 109 -26.52 10.00 -7.85
CA GLY C 109 -27.28 11.16 -7.41
C GLY C 109 -26.91 11.67 -6.03
N ARG C 110 -26.09 10.96 -5.26
CA ARG C 110 -25.89 11.23 -3.83
C ARG C 110 -24.46 11.64 -3.53
N LEU C 111 -24.33 12.71 -2.75
CA LEU C 111 -23.03 13.16 -2.25
C LEU C 111 -22.59 12.28 -1.09
N THR C 112 -21.48 11.59 -1.26
CA THR C 112 -20.96 10.71 -0.23
C THR C 112 -19.66 11.29 0.31
N LEU C 113 -19.75 11.98 1.43
CA LEU C 113 -18.56 12.52 2.10
C LEU C 113 -17.86 11.41 2.87
N VAL C 114 -16.55 11.34 2.71
CA VAL C 114 -15.71 10.37 3.41
C VAL C 114 -14.77 11.17 4.33
N GLU C 115 -15.03 11.16 5.63
CA GLU C 115 -14.22 11.89 6.59
C GLU C 115 -13.04 11.03 7.03
N GLY C 116 -11.81 11.52 6.81
CA GLY C 116 -10.63 10.80 7.24
C GLY C 116 -10.28 11.02 8.70
N ALA C 117 -9.17 10.45 9.12
CA ALA C 117 -8.68 10.60 10.49
C ALA C 117 -7.27 11.17 10.48
N GLY C 118 -7.08 12.30 11.16
CA GLY C 118 -5.85 13.06 11.09
C GLY C 118 -5.65 13.64 9.70
N GLY C 119 -4.39 13.66 9.26
CA GLY C 119 -4.00 14.23 7.99
C GLY C 119 -4.28 13.29 6.82
N LEU C 120 -3.84 13.73 5.64
CA LEU C 120 -4.09 12.97 4.43
C LEU C 120 -3.34 11.64 4.48
N LEU C 121 -2.05 11.71 4.70
CA LEU C 121 -1.22 10.53 4.58
C LEU C 121 -1.21 9.71 5.85
N VAL C 122 -2.15 9.95 6.77
CA VAL C 122 -2.29 9.07 7.91
C VAL C 122 -2.72 7.69 7.42
N GLU C 123 -2.00 6.65 7.87
CA GLU C 123 -2.35 5.28 7.54
C GLU C 123 -3.75 4.91 8.07
N LEU C 124 -4.56 4.34 7.20
CA LEU C 124 -5.87 3.82 7.56
C LEU C 124 -5.99 2.32 7.38
N ALA C 125 -5.05 1.71 6.67
CA ALA C 125 -5.10 0.30 6.35
C ALA C 125 -3.68 -0.19 6.15
N GLU C 126 -3.42 -1.43 6.54
CA GLU C 126 -2.04 -1.81 6.27
C GLU C 126 -1.90 -2.28 4.82
N PRO C 127 -0.71 -2.10 4.22
CA PRO C 127 0.41 -1.34 4.80
C PRO C 127 0.63 0.03 4.14
N GLY C 128 0.55 1.09 4.94
CA GLY C 128 0.83 2.41 4.43
C GLY C 128 -0.23 2.95 3.49
N VAL C 129 -1.46 2.50 3.63
CA VAL C 129 -2.54 2.93 2.75
C VAL C 129 -3.20 4.15 3.37
N THR C 130 -3.32 5.20 2.58
CA THR C 130 -3.76 6.50 3.07
C THR C 130 -5.14 6.83 2.49
N LEU C 131 -5.80 7.81 3.12
CA LEU C 131 -6.98 8.41 2.53
C LEU C 131 -6.70 8.92 1.12
N ARG C 132 -5.43 9.14 0.77
CA ARG C 132 -5.11 9.45 -0.62
C ARG C 132 -5.29 8.23 -1.49
N ASP C 133 -4.71 7.11 -1.08
CA ASP C 133 -4.87 5.86 -1.83
C ASP C 133 -6.33 5.48 -1.98
N VAL C 134 -7.14 5.70 -0.95
CA VAL C 134 -8.57 5.43 -1.07
C VAL C 134 -9.20 6.31 -2.15
N ALA C 135 -9.06 7.63 -1.99
CA ALA C 135 -9.65 8.55 -2.96
C ALA C 135 -9.22 8.21 -4.38
N VAL C 136 -7.99 7.74 -4.55
CA VAL C 136 -7.61 7.21 -5.86
C VAL C 136 -8.52 6.04 -6.21
N ASP C 137 -8.54 5.03 -5.33
CA ASP C 137 -9.25 3.77 -5.61
C ASP C 137 -10.69 4.01 -6.05
N VAL C 138 -11.33 5.03 -5.50
CA VAL C 138 -12.74 5.24 -5.79
C VAL C 138 -12.95 6.50 -6.62
N ALA C 139 -11.88 7.02 -7.22
CA ALA C 139 -11.93 8.24 -8.03
C ALA C 139 -12.76 9.32 -7.37
N ALA C 140 -12.32 9.72 -6.18
CA ALA C 140 -12.92 10.81 -5.44
C ALA C 140 -11.98 12.00 -5.48
N ALA C 141 -12.56 13.20 -5.41
CA ALA C 141 -11.77 14.41 -5.22
C ALA C 141 -11.62 14.69 -3.72
N ALA C 142 -10.93 15.79 -3.42
CA ALA C 142 -10.43 16.03 -2.06
C ALA C 142 -10.74 17.46 -1.64
N LEU C 143 -11.58 17.60 -0.63
CA LEU C 143 -11.67 18.84 0.12
C LEU C 143 -10.61 18.84 1.22
N VAL C 144 -9.86 19.91 1.34
CA VAL C 144 -8.76 20.00 2.30
C VAL C 144 -9.19 21.00 3.34
N VAL C 145 -9.21 20.56 4.59
CA VAL C 145 -9.56 21.44 5.70
C VAL C 145 -8.25 22.00 6.26
N VAL C 146 -8.15 23.33 6.27
CA VAL C 146 -6.94 24.04 6.68
C VAL C 146 -7.26 25.00 7.83
N THR C 147 -6.25 25.24 8.65
CA THR C 147 -6.33 26.29 9.65
C THR C 147 -5.93 27.63 9.04
N ALA C 148 -6.32 28.72 9.71
CA ALA C 148 -5.79 30.05 9.39
C ALA C 148 -4.56 30.40 10.22
N ASP C 149 -4.04 29.45 11.00
CA ASP C 149 -3.01 29.74 11.96
C ASP C 149 -1.63 29.68 11.32
N LEU C 150 -0.66 30.20 12.07
CA LEU C 150 0.75 30.14 11.71
C LEU C 150 1.11 28.72 11.29
N GLY C 151 1.63 28.59 10.07
CA GLY C 151 2.08 27.30 9.56
C GLY C 151 1.16 26.70 8.52
N THR C 152 0.05 27.34 8.21
CA THR C 152 -0.96 26.67 7.40
C THR C 152 -0.62 26.65 5.91
N LEU C 153 0.14 27.64 5.41
CA LEU C 153 0.49 27.67 3.99
C LEU C 153 1.39 26.50 3.63
N ASN C 154 2.44 26.30 4.41
CA ASN C 154 3.35 25.20 4.14
C ASN C 154 2.63 23.86 4.22
N HIS C 155 1.80 23.68 5.25
CA HIS C 155 1.05 22.45 5.38
C HIS C 155 0.06 22.28 4.22
N THR C 156 -0.60 23.36 3.81
CA THR C 156 -1.54 23.23 2.71
C THR C 156 -0.82 22.85 1.41
N LYS C 157 0.19 23.64 1.02
CA LYS C 157 0.99 23.35 -0.15
C LYS C 157 1.50 21.90 -0.13
N LEU C 158 1.99 21.45 1.02
CA LEU C 158 2.42 20.05 1.14
C LEU C 158 1.27 19.10 0.85
N THR C 159 0.11 19.37 1.45
CA THR C 159 -1.07 18.53 1.25
C THR C 159 -1.51 18.55 -0.22
N LEU C 160 -1.48 19.74 -0.85
CA LEU C 160 -1.86 19.83 -2.27
C LEU C 160 -0.82 19.16 -3.17
N GLU C 161 0.47 19.33 -2.89
CA GLU C 161 1.46 18.60 -3.67
C GLU C 161 1.19 17.10 -3.61
N ALA C 162 0.97 16.59 -2.40
CA ALA C 162 0.72 15.16 -2.25
C ALA C 162 -0.56 14.73 -2.97
N LEU C 163 -1.53 15.64 -3.10
CA LEU C 163 -2.73 15.28 -3.84
C LEU C 163 -2.43 15.19 -5.33
N ALA C 164 -1.78 16.22 -5.87
CA ALA C 164 -1.42 16.22 -7.28
C ALA C 164 -0.60 14.97 -7.63
N ALA C 165 0.43 14.67 -6.86
CA ALA C 165 1.33 13.56 -7.21
C ALA C 165 0.61 12.26 -7.57
N GLN C 166 -0.54 11.97 -6.96
CA GLN C 166 -1.35 10.82 -7.37
C GLN C 166 -2.58 11.23 -8.16
N GLN C 167 -2.59 12.45 -8.70
CA GLN C 167 -3.68 12.94 -9.53
C GLN C 167 -5.02 12.87 -8.83
N VAL C 168 -5.04 13.10 -7.51
CA VAL C 168 -6.29 13.27 -6.78
C VAL C 168 -6.71 14.73 -6.93
N SER C 169 -7.92 14.95 -7.44
CA SER C 169 -8.36 16.30 -7.74
C SER C 169 -8.66 17.07 -6.46
N CYS C 170 -8.31 18.35 -6.45
CA CYS C 170 -8.57 19.22 -5.31
C CYS C 170 -9.89 19.95 -5.55
N ALA C 171 -10.91 19.60 -4.77
CA ALA C 171 -12.19 20.29 -4.79
C ALA C 171 -12.09 21.70 -4.23
N GLY C 172 -11.04 21.98 -3.48
CA GLY C 172 -10.85 23.27 -2.88
C GLY C 172 -10.50 23.13 -1.43
N LEU C 173 -10.48 24.26 -0.74
CA LEU C 173 -10.06 24.35 0.64
C LEU C 173 -11.21 24.85 1.49
N VAL C 174 -11.22 24.44 2.75
CA VAL C 174 -12.08 25.06 3.75
C VAL C 174 -11.23 25.41 4.95
N ILE C 175 -11.38 26.63 5.45
CA ILE C 175 -10.83 26.97 6.75
C ILE C 175 -11.77 26.43 7.82
N GLY C 176 -11.25 25.55 8.67
CA GLY C 176 -12.05 24.95 9.72
C GLY C 176 -12.63 25.97 10.67
N SER C 177 -11.78 26.83 11.25
CA SER C 177 -12.22 27.83 12.22
C SER C 177 -11.72 29.20 11.79
N TRP C 178 -12.65 30.15 11.63
CA TRP C 178 -12.29 31.49 11.19
C TRP C 178 -12.61 32.48 12.30
N PRO C 179 -11.65 33.29 12.73
CA PRO C 179 -11.83 34.10 13.94
C PRO C 179 -12.51 35.43 13.66
N ASP C 180 -13.13 35.97 14.70
CA ASP C 180 -13.70 37.30 14.66
C ASP C 180 -13.23 38.04 15.91
N PRO C 181 -12.46 39.13 15.77
CA PRO C 181 -11.98 39.60 14.45
C PRO C 181 -10.69 38.89 14.02
N PRO C 182 -10.45 38.80 12.72
CA PRO C 182 -9.25 38.11 12.23
C PRO C 182 -8.01 39.02 12.38
N GLY C 183 -7.12 38.57 13.26
CA GLY C 183 -5.89 39.30 13.52
C GLY C 183 -4.97 39.29 12.31
N LEU C 184 -3.76 39.78 12.55
CA LEU C 184 -2.84 40.01 11.44
C LEU C 184 -2.46 38.70 10.75
N VAL C 185 -2.21 37.65 11.53
CA VAL C 185 -1.77 36.38 10.96
C VAL C 185 -2.88 35.76 10.11
N ALA C 186 -4.09 35.68 10.68
CA ALA C 186 -5.20 35.05 9.97
C ALA C 186 -5.50 35.80 8.69
N ALA C 187 -5.65 37.12 8.77
CA ALA C 187 -5.94 37.94 7.62
C ALA C 187 -4.97 37.65 6.49
N SER C 188 -3.67 37.59 6.82
CA SER C 188 -2.65 37.37 5.82
C SER C 188 -2.72 35.97 5.21
N ASN C 189 -2.91 34.95 6.06
CA ASN C 189 -2.92 33.57 5.56
C ASN C 189 -4.15 33.28 4.71
N ARG C 190 -5.28 33.90 5.01
CA ARG C 190 -6.46 33.72 4.17
C ARG C 190 -6.16 34.17 2.75
N SER C 191 -5.79 35.46 2.60
CA SER C 191 -5.39 35.98 1.29
C SER C 191 -4.42 35.03 0.60
N ALA C 192 -3.41 34.56 1.33
CA ALA C 192 -2.40 33.71 0.72
C ALA C 192 -2.96 32.36 0.31
N LEU C 193 -3.89 31.80 1.09
CA LEU C 193 -4.51 30.54 0.67
C LEU C 193 -5.40 30.72 -0.56
N ALA C 194 -6.11 31.84 -0.64
CA ALA C 194 -6.97 32.05 -1.81
C ALA C 194 -6.15 32.10 -3.09
N ARG C 195 -4.93 32.63 -3.02
CA ARG C 195 -4.03 32.66 -4.16
C ARG C 195 -3.54 31.29 -4.61
N ILE C 196 -3.68 30.24 -3.79
CA ILE C 196 -3.15 28.92 -4.17
C ILE C 196 -4.23 27.86 -4.37
N ALA C 197 -5.48 28.13 -4.01
CA ALA C 197 -6.57 27.20 -4.29
C ALA C 197 -7.87 27.95 -4.04
N MET C 198 -8.97 27.32 -4.40
CA MET C 198 -10.30 27.91 -4.18
C MET C 198 -10.71 27.71 -2.73
N VAL C 199 -11.02 28.80 -2.03
CA VAL C 199 -11.46 28.73 -0.64
C VAL C 199 -12.98 28.65 -0.61
N ARG C 200 -13.51 27.43 -0.52
CA ARG C 200 -14.96 27.23 -0.60
C ARG C 200 -15.68 27.89 0.57
N ALA C 201 -15.16 27.73 1.78
CA ALA C 201 -15.77 28.37 2.93
C ALA C 201 -14.73 28.53 4.03
N ALA C 202 -15.03 29.43 4.97
CA ALA C 202 -14.23 29.65 6.18
C ALA C 202 -15.22 29.69 7.33
N LEU C 203 -15.50 28.53 7.91
CA LEU C 203 -16.55 28.42 8.89
C LEU C 203 -16.25 29.29 10.12
N PRO C 204 -17.23 30.02 10.63
CA PRO C 204 -17.02 30.76 11.89
C PRO C 204 -16.64 29.83 13.04
N ALA C 205 -15.83 30.36 13.95
CA ALA C 205 -15.26 29.55 15.02
C ALA C 205 -16.33 29.11 16.01
N GLY C 206 -16.16 27.89 16.52
CA GLY C 206 -17.11 27.37 17.50
C GLY C 206 -18.44 26.96 16.92
N ALA C 207 -18.53 26.81 15.61
CA ALA C 207 -19.76 26.35 14.99
C ALA C 207 -20.15 24.94 15.43
N ALA C 208 -19.24 24.18 16.05
CA ALA C 208 -19.55 22.83 16.50
C ALA C 208 -20.52 22.81 17.66
N SER C 209 -20.84 23.97 18.24
CA SER C 209 -21.68 24.09 19.43
C SER C 209 -23.14 24.42 19.12
N LEU C 210 -23.45 24.82 17.89
CA LEU C 210 -24.82 25.21 17.56
C LEU C 210 -25.72 24.00 17.45
N ASP C 211 -27.01 24.21 17.67
CA ASP C 211 -28.01 23.20 17.40
C ASP C 211 -28.30 23.18 15.91
N ALA C 212 -29.16 22.24 15.50
CA ALA C 212 -29.38 21.99 14.08
C ALA C 212 -29.80 23.26 13.35
N GLY C 213 -30.62 24.10 13.98
CA GLY C 213 -31.20 25.23 13.28
C GLY C 213 -30.17 26.32 13.00
N ASP C 214 -29.37 26.67 14.03
CA ASP C 214 -28.38 27.72 13.86
C ASP C 214 -27.17 27.25 13.05
N PHE C 215 -26.82 25.97 13.16
CA PHE C 215 -25.74 25.39 12.36
C PHE C 215 -26.11 25.40 10.87
N ALA C 216 -27.17 24.67 10.52
CA ALA C 216 -27.59 24.52 9.13
C ALA C 216 -27.84 25.88 8.47
N ALA C 217 -28.10 26.92 9.25
CA ALA C 217 -28.16 28.26 8.70
C ALA C 217 -26.78 28.76 8.31
N MET C 218 -25.80 28.63 9.22
CA MET C 218 -24.43 29.06 8.90
C MET C 218 -23.88 28.27 7.73
N SER C 219 -24.15 26.96 7.69
CA SER C 219 -23.65 26.12 6.61
C SER C 219 -24.02 26.69 5.24
N ALA C 220 -25.32 26.94 5.04
CA ALA C 220 -25.75 27.56 3.80
C ALA C 220 -25.19 28.96 3.63
N ALA C 221 -24.72 29.57 4.72
CA ALA C 221 -24.08 30.87 4.59
C ALA C 221 -22.60 30.73 4.23
N ALA C 222 -21.97 29.63 4.62
CA ALA C 222 -20.52 29.49 4.44
C ALA C 222 -20.14 29.18 3.00
N PHE C 223 -20.85 28.28 2.35
CA PHE C 223 -20.53 27.88 0.98
C PHE C 223 -21.38 28.65 -0.01
N ASP C 224 -20.85 28.82 -1.22
CA ASP C 224 -21.63 29.34 -2.33
C ASP C 224 -22.50 28.22 -2.88
N ARG C 225 -23.81 28.48 -2.97
CA ARG C 225 -24.78 27.41 -3.23
C ARG C 225 -24.64 26.83 -4.64
N ASN C 226 -24.31 27.68 -5.62
CA ASN C 226 -24.09 27.18 -6.98
C ASN C 226 -22.95 26.17 -7.01
N TRP C 227 -21.87 26.43 -6.27
CA TRP C 227 -20.83 25.42 -6.13
C TRP C 227 -21.38 24.17 -5.45
N VAL C 228 -22.32 24.33 -4.53
CA VAL C 228 -22.79 23.19 -3.74
C VAL C 228 -23.61 22.25 -4.62
N ALA C 229 -24.69 22.76 -5.20
CA ALA C 229 -25.53 21.93 -6.06
C ALA C 229 -24.78 21.46 -7.30
N GLY C 230 -23.66 22.09 -7.62
CA GLY C 230 -22.87 21.67 -8.76
C GLY C 230 -21.96 20.51 -8.44
N LEU C 231 -22.28 19.75 -7.41
CA LEU C 231 -21.47 18.59 -7.06
C LEU C 231 -22.12 17.29 -7.51
N VAL C 232 -23.43 17.29 -7.71
CA VAL C 232 -24.15 16.19 -8.36
C VAL C 232 -24.74 16.72 -9.65
N GLY C 233 -24.50 16.02 -10.75
CA GLY C 233 -24.97 16.46 -12.04
C GLY C 233 -25.73 15.42 -12.82
N HIS D 6 35.83 18.76 -5.94
CA HIS D 6 34.58 19.10 -5.26
C HIS D 6 34.74 20.29 -4.27
N GLY D 7 33.96 20.30 -3.20
CA GLY D 7 34.01 21.36 -2.22
C GLY D 7 33.72 20.91 -0.79
N GLY D 8 32.83 21.61 -0.08
CA GLY D 8 32.41 21.21 1.24
C GLY D 8 31.08 20.47 1.22
N THR D 9 30.50 20.32 2.41
CA THR D 9 29.23 19.63 2.59
C THR D 9 28.17 20.64 3.01
N ILE D 10 27.17 20.87 2.16
CA ILE D 10 26.08 21.77 2.48
C ILE D 10 24.89 20.92 2.93
N LEU D 11 24.33 21.27 4.07
CA LEU D 11 23.18 20.59 4.64
C LEU D 11 22.10 21.62 4.95
N VAL D 12 20.89 21.43 4.42
CA VAL D 12 19.79 22.26 4.87
C VAL D 12 19.08 21.52 5.98
N VAL D 13 18.77 22.26 7.04
CA VAL D 13 18.00 21.77 8.16
C VAL D 13 16.60 22.34 8.00
N THR D 14 15.62 21.47 7.88
CA THR D 14 14.26 21.95 7.71
C THR D 14 13.32 21.31 8.73
N GLY D 15 12.02 21.49 8.56
CA GLY D 15 11.11 20.92 9.52
C GLY D 15 9.74 20.68 8.96
N THR D 16 9.00 19.80 9.66
CA THR D 16 7.59 19.59 9.42
C THR D 16 6.73 20.79 9.82
N GLY D 17 7.28 21.96 10.15
CA GLY D 17 6.47 23.13 10.44
C GLY D 17 7.26 24.15 11.25
N THR D 18 6.53 25.06 11.86
CA THR D 18 7.12 26.09 12.70
C THR D 18 7.10 25.66 14.16
N GLY D 19 8.19 25.98 14.87
CA GLY D 19 8.25 25.68 16.28
C GLY D 19 8.43 24.22 16.58
N VAL D 20 9.20 23.51 15.77
CA VAL D 20 9.44 22.08 15.99
C VAL D 20 10.85 21.82 16.47
N GLY D 21 11.60 22.87 16.79
CA GLY D 21 12.97 22.71 17.24
C GLY D 21 14.04 22.73 16.16
N LYS D 22 13.81 23.42 15.04
CA LYS D 22 14.84 23.49 14.00
C LYS D 22 16.10 24.16 14.52
N THR D 23 15.95 25.31 15.17
CA THR D 23 17.13 26.08 15.54
C THR D 23 17.97 25.32 16.54
N VAL D 24 17.32 24.73 17.56
CA VAL D 24 18.07 23.94 18.53
C VAL D 24 18.83 22.81 17.84
N VAL D 25 18.12 22.02 17.03
CA VAL D 25 18.78 20.91 16.34
C VAL D 25 19.97 21.42 15.55
N CYS D 26 19.77 22.50 14.78
N CYS D 26 19.79 22.53 14.84
CA CYS D 26 20.88 23.13 14.07
CA CYS D 26 20.87 23.11 14.05
C CYS D 26 22.09 23.28 14.97
C CYS D 26 22.08 23.45 14.91
N ALA D 27 21.88 23.80 16.18
CA ALA D 27 22.99 24.05 17.09
C ALA D 27 23.58 22.76 17.62
N ALA D 28 22.73 21.78 17.91
CA ALA D 28 23.18 20.49 18.42
C ALA D 28 24.06 19.78 17.41
N LEU D 29 23.59 19.70 16.16
CA LEU D 29 24.43 19.16 15.10
C LEU D 29 25.73 19.95 14.99
N ALA D 30 25.63 21.28 15.00
CA ALA D 30 26.81 22.12 14.89
C ALA D 30 27.80 21.81 16.02
N SER D 31 27.27 21.71 17.24
CA SER D 31 28.11 21.39 18.39
C SER D 31 28.82 20.06 18.18
N ALA D 32 28.04 18.98 18.02
CA ALA D 32 28.61 17.64 17.81
C ALA D 32 29.71 17.65 16.76
N ALA D 33 29.43 18.24 15.59
CA ALA D 33 30.41 18.27 14.52
C ALA D 33 31.68 19.01 14.93
N ARG D 34 31.53 20.19 15.56
CA ARG D 34 32.70 20.95 16.01
C ARG D 34 33.60 20.09 16.87
N GLN D 35 33.00 19.30 17.77
CA GLN D 35 33.78 18.45 18.65
C GLN D 35 34.43 17.30 17.89
N ALA D 36 33.78 16.82 16.83
CA ALA D 36 34.45 15.92 15.90
C ALA D 36 35.46 16.65 15.01
N GLY D 37 35.86 17.88 15.36
CA GLY D 37 36.87 18.57 14.60
C GLY D 37 36.42 19.15 13.28
N ILE D 38 35.11 19.24 13.02
CA ILE D 38 34.63 19.81 11.75
C ILE D 38 34.47 21.31 11.92
N ASP D 39 34.86 22.04 10.88
CA ASP D 39 34.57 23.47 10.81
C ASP D 39 33.11 23.64 10.43
N VAL D 40 32.37 24.42 11.22
CA VAL D 40 30.93 24.57 11.07
C VAL D 40 30.61 26.02 10.75
N ALA D 41 29.85 26.22 9.68
CA ALA D 41 29.18 27.50 9.46
C ALA D 41 27.68 27.25 9.41
N VAL D 42 26.91 28.22 9.88
CA VAL D 42 25.46 28.14 9.83
C VAL D 42 24.93 29.37 9.13
N CYS D 43 24.16 29.18 8.06
CA CYS D 43 23.60 30.27 7.29
C CYS D 43 22.09 30.32 7.52
N LYS D 44 21.59 31.49 7.92
CA LYS D 44 20.15 31.71 8.06
C LYS D 44 19.80 32.95 7.26
N PRO D 45 19.49 32.76 5.98
CA PRO D 45 19.28 33.92 5.10
C PRO D 45 18.18 34.85 5.56
N VAL D 46 17.11 34.31 6.15
CA VAL D 46 15.99 35.13 6.60
C VAL D 46 15.60 34.70 8.00
N GLN D 47 15.54 35.67 8.91
CA GLN D 47 14.98 35.52 10.25
C GLN D 47 13.80 36.48 10.40
N THR D 48 12.72 36.02 11.03
CA THR D 48 11.66 36.95 11.45
C THR D 48 11.48 36.88 12.96
N GLY D 49 10.54 37.69 13.44
CA GLY D 49 10.28 37.80 14.85
C GLY D 49 11.30 38.59 15.62
N THR D 50 12.12 39.37 14.93
CA THR D 50 13.19 40.08 15.65
C THR D 50 12.67 41.18 16.57
N ALA D 51 11.37 41.51 16.50
CA ALA D 51 10.82 42.53 17.39
C ALA D 51 10.71 42.03 18.83
N ARG D 52 10.46 40.74 19.02
CA ARG D 52 10.49 40.13 20.34
C ARG D 52 11.82 39.49 20.66
N GLY D 53 12.91 39.96 20.03
CA GLY D 53 14.25 39.50 20.35
C GLY D 53 14.78 38.31 19.56
N ASP D 54 13.96 37.65 18.74
CA ASP D 54 14.37 36.45 18.01
C ASP D 54 15.67 36.67 17.24
N ASP D 55 16.55 35.67 17.32
CA ASP D 55 17.79 35.65 16.54
C ASP D 55 18.28 34.20 16.60
N ASP D 56 17.86 33.40 15.60
CA ASP D 56 18.25 32.00 15.58
C ASP D 56 19.76 31.87 15.44
N LEU D 57 20.40 32.76 14.68
CA LEU D 57 21.85 32.66 14.54
C LEU D 57 22.53 32.94 15.87
N ALA D 58 22.06 33.95 16.60
CA ALA D 58 22.63 34.24 17.91
C ALA D 58 22.40 33.08 18.89
N GLU D 59 21.24 32.42 18.78
CA GLU D 59 21.02 31.27 19.64
C GLU D 59 21.94 30.11 19.29
N VAL D 60 22.36 30.00 18.02
CA VAL D 60 23.30 28.95 17.62
C VAL D 60 24.71 29.29 18.09
N GLY D 61 25.07 30.57 18.10
CA GLY D 61 26.39 30.96 18.56
C GLY D 61 26.56 30.75 20.05
N ARG D 62 25.57 31.21 20.84
CA ARG D 62 25.68 31.05 22.29
C ARG D 62 25.48 29.62 22.75
N LEU D 63 24.93 28.75 21.90
CA LEU D 63 24.72 27.36 22.30
C LEU D 63 25.82 26.42 21.85
N ALA D 64 26.44 26.68 20.69
CA ALA D 64 27.36 25.74 20.06
C ALA D 64 28.70 26.35 19.65
N GLY D 65 28.91 27.64 19.86
CA GLY D 65 30.21 28.25 19.64
C GLY D 65 30.55 28.59 18.20
N VAL D 66 29.67 28.27 17.25
CA VAL D 66 29.85 28.69 15.87
C VAL D 66 30.11 30.20 15.83
N THR D 67 31.17 30.60 15.13
CA THR D 67 31.42 32.01 14.88
C THR D 67 30.95 32.45 13.51
N GLN D 68 30.97 31.55 12.54
CA GLN D 68 30.63 31.88 11.16
C GLN D 68 29.12 31.79 11.05
N LEU D 69 28.45 32.92 11.22
CA LEU D 69 26.99 32.99 11.30
C LEU D 69 26.53 34.03 10.30
N ALA D 70 25.98 33.58 9.17
CA ALA D 70 25.71 34.43 8.03
C ALA D 70 24.20 34.60 7.83
N GLY D 71 23.79 35.82 7.48
CA GLY D 71 22.39 36.10 7.24
C GLY D 71 22.22 37.24 6.27
N LEU D 72 21.07 37.25 5.61
CA LEU D 72 20.76 38.28 4.64
C LEU D 72 19.68 39.24 5.07
N ALA D 73 18.70 38.79 5.85
CA ALA D 73 17.51 39.60 6.06
C ALA D 73 16.98 39.39 7.47
N ARG D 74 16.18 40.37 7.92
CA ARG D 74 15.66 40.41 9.28
C ARG D 74 14.38 41.24 9.27
N TYR D 75 13.23 40.60 9.52
CA TYR D 75 11.93 41.28 9.55
C TYR D 75 11.32 41.13 10.92
N PRO D 76 10.84 42.22 11.54
CA PRO D 76 10.54 42.17 12.98
C PRO D 76 9.27 41.41 13.33
N GLN D 77 8.23 41.39 12.47
CA GLN D 77 6.98 40.73 12.79
C GLN D 77 7.18 39.22 12.88
N PRO D 78 6.51 38.54 13.82
CA PRO D 78 6.69 37.07 13.96
C PRO D 78 5.76 36.31 13.02
N MET D 79 6.12 36.33 11.74
CA MET D 79 5.28 35.78 10.68
C MET D 79 6.14 35.09 9.66
N ALA D 80 5.49 34.46 8.70
CA ALA D 80 6.21 33.90 7.57
C ALA D 80 6.96 35.02 6.86
N PRO D 81 8.17 34.75 6.35
CA PRO D 81 8.95 35.78 5.64
C PRO D 81 8.15 36.62 4.65
N ALA D 82 7.33 35.98 3.79
CA ALA D 82 6.59 36.77 2.81
C ALA D 82 5.61 37.70 3.49
N ALA D 83 4.99 37.24 4.57
CA ALA D 83 4.05 38.08 5.30
C ALA D 83 4.78 39.19 6.02
N ALA D 84 5.79 38.81 6.80
CA ALA D 84 6.58 39.79 7.53
C ALA D 84 7.11 40.88 6.59
N ALA D 85 7.65 40.48 5.43
CA ALA D 85 8.13 41.45 4.47
C ALA D 85 7.03 42.42 4.06
N GLU D 86 5.86 41.87 3.68
CA GLU D 86 4.75 42.73 3.27
C GLU D 86 4.36 43.70 4.37
N HIS D 87 4.35 43.23 5.61
CA HIS D 87 4.02 44.14 6.70
C HIS D 87 5.08 45.20 6.85
N ALA D 88 6.32 44.86 6.52
CA ALA D 88 7.42 45.81 6.58
C ALA D 88 7.41 46.78 5.41
N GLY D 89 6.84 46.40 4.28
CA GLY D 89 6.88 47.25 3.12
C GLY D 89 8.12 47.09 2.30
N MET D 90 8.84 45.98 2.48
CA MET D 90 10.15 45.76 1.91
C MET D 90 10.18 44.35 1.35
N ALA D 91 10.91 44.16 0.24
CA ALA D 91 10.95 42.87 -0.41
C ALA D 91 11.85 41.89 0.34
N LEU D 92 11.59 40.61 0.11
CA LEU D 92 12.50 39.56 0.52
C LEU D 92 13.77 39.61 -0.32
N PRO D 93 14.88 39.05 0.18
CA PRO D 93 16.10 39.00 -0.63
C PRO D 93 15.89 38.12 -1.85
N ALA D 94 16.81 38.24 -2.81
CA ALA D 94 16.68 37.57 -4.10
C ALA D 94 17.25 36.15 -4.06
N ARG D 95 16.72 35.30 -4.95
CA ARG D 95 17.15 33.90 -4.98
C ARG D 95 18.66 33.77 -5.15
N ASP D 96 19.27 34.66 -5.95
CA ASP D 96 20.70 34.57 -6.19
C ASP D 96 21.52 34.90 -4.93
N GLN D 97 21.15 35.97 -4.19
CA GLN D 97 21.87 36.29 -2.95
C GLN D 97 21.97 35.08 -2.05
N ILE D 98 20.87 34.33 -1.94
CA ILE D 98 20.84 33.22 -0.99
C ILE D 98 21.79 32.12 -1.43
N VAL D 99 21.59 31.67 -2.67
CA VAL D 99 22.43 30.61 -3.21
C VAL D 99 23.89 31.05 -3.22
N ARG D 100 24.15 32.28 -3.64
CA ARG D 100 25.53 32.75 -3.74
C ARG D 100 26.17 32.83 -2.36
N LEU D 101 25.44 33.36 -1.37
CA LEU D 101 25.98 33.39 0.00
C LEU D 101 26.25 31.98 0.52
N ILE D 102 25.31 31.06 0.31
CA ILE D 102 25.53 29.68 0.69
C ILE D 102 26.75 29.13 -0.03
N ALA D 103 26.82 29.33 -1.34
CA ALA D 103 27.95 28.78 -2.09
C ALA D 103 29.25 29.50 -1.77
N ASP D 104 29.19 30.81 -1.42
CA ASP D 104 30.38 31.53 -0.96
C ASP D 104 30.85 31.05 0.41
N LEU D 105 29.95 30.52 1.24
CA LEU D 105 30.30 30.00 2.55
C LEU D 105 30.91 28.61 2.48
N ASP D 106 30.63 27.86 1.42
CA ASP D 106 31.12 26.50 1.34
C ASP D 106 32.62 26.52 1.10
N ARG D 107 33.35 25.89 2.00
CA ARG D 107 34.78 25.68 1.80
C ARG D 107 35.08 24.23 2.14
N PRO D 108 36.11 23.66 1.52
CA PRO D 108 36.45 22.25 1.80
C PRO D 108 36.79 22.06 3.28
N GLY D 109 36.15 21.08 3.90
CA GLY D 109 36.32 20.83 5.31
C GLY D 109 35.31 21.53 6.21
N ARG D 110 34.37 22.27 5.63
CA ARG D 110 33.35 23.01 6.37
C ARG D 110 32.00 22.36 6.16
N LEU D 111 31.36 21.93 7.26
CA LEU D 111 29.93 21.66 7.23
C LEU D 111 29.20 22.99 7.30
N THR D 112 28.38 23.26 6.29
CA THR D 112 27.58 24.46 6.19
C THR D 112 26.11 24.05 6.36
N LEU D 113 25.53 24.33 7.53
CA LEU D 113 24.11 24.14 7.76
C LEU D 113 23.33 25.37 7.31
N VAL D 114 22.20 25.14 6.63
CA VAL D 114 21.31 26.19 6.14
C VAL D 114 19.97 26.03 6.83
N GLU D 115 19.63 26.96 7.68
CA GLU D 115 18.36 26.91 8.41
C GLU D 115 17.30 27.64 7.61
N GLY D 116 16.15 27.02 7.41
CA GLY D 116 15.03 27.74 6.83
C GLY D 116 14.29 28.56 7.87
N ALA D 117 13.29 29.30 7.37
CA ALA D 117 12.23 29.82 8.22
C ALA D 117 11.07 28.83 8.17
N GLY D 118 10.50 28.53 9.33
CA GLY D 118 9.65 27.37 9.60
C GLY D 118 8.85 26.62 8.54
N GLY D 119 9.40 25.55 7.96
CA GLY D 119 8.54 24.83 6.99
C GLY D 119 9.23 24.78 5.62
N LEU D 120 9.28 23.57 5.04
CA LEU D 120 10.01 23.36 3.79
C LEU D 120 9.50 24.25 2.67
N LEU D 121 8.19 24.26 2.45
CA LEU D 121 7.63 25.01 1.34
C LEU D 121 7.37 26.48 1.68
N VAL D 122 7.95 26.98 2.77
CA VAL D 122 7.83 28.39 3.14
C VAL D 122 8.61 29.24 2.15
N GLU D 123 7.98 30.27 1.61
CA GLU D 123 8.64 31.12 0.64
C GLU D 123 9.68 32.00 1.32
N LEU D 124 10.96 31.80 0.97
CA LEU D 124 12.07 32.61 1.49
C LEU D 124 12.50 33.71 0.53
N ALA D 125 12.23 33.59 -0.75
CA ALA D 125 12.58 34.65 -1.69
C ALA D 125 11.57 34.65 -2.83
N GLU D 126 11.23 35.83 -3.33
CA GLU D 126 10.38 35.88 -4.50
C GLU D 126 11.19 35.43 -5.71
N PRO D 127 10.53 34.81 -6.70
CA PRO D 127 9.11 34.47 -6.68
C PRO D 127 8.83 33.00 -6.37
N GLY D 128 8.33 32.71 -5.17
CA GLY D 128 8.01 31.36 -4.79
C GLY D 128 9.19 30.47 -4.45
N VAL D 129 10.38 31.04 -4.29
CA VAL D 129 11.57 30.24 -3.96
C VAL D 129 11.46 29.75 -2.53
N THR D 130 11.81 28.49 -2.32
CA THR D 130 11.69 27.80 -1.03
C THR D 130 13.04 27.18 -0.71
N LEU D 131 13.12 26.58 0.50
CA LEU D 131 14.36 25.93 0.87
C LEU D 131 14.62 24.69 0.01
N ARG D 132 13.55 24.00 -0.42
CA ARG D 132 13.73 22.90 -1.36
C ARG D 132 14.48 23.36 -2.61
N ASP D 133 13.98 24.42 -3.26
CA ASP D 133 14.61 24.97 -4.44
C ASP D 133 16.07 25.30 -4.18
N VAL D 134 16.33 25.98 -3.07
CA VAL D 134 17.70 26.29 -2.70
C VAL D 134 18.54 25.03 -2.59
N ALA D 135 17.99 23.99 -1.97
CA ALA D 135 18.78 22.79 -1.79
C ALA D 135 19.20 22.23 -3.14
N VAL D 136 18.30 22.25 -4.13
CA VAL D 136 18.62 21.74 -5.45
C VAL D 136 19.73 22.56 -6.09
N ASP D 137 19.70 23.88 -5.88
CA ASP D 137 20.66 24.73 -6.56
C ASP D 137 22.08 24.55 -6.05
N VAL D 138 22.25 24.14 -4.81
CA VAL D 138 23.59 23.99 -4.26
C VAL D 138 23.94 22.52 -4.04
N ALA D 139 23.09 21.61 -4.51
CA ALA D 139 23.33 20.18 -4.37
C ALA D 139 23.42 19.80 -2.90
N ALA D 140 22.50 20.35 -2.11
CA ALA D 140 22.41 20.08 -0.68
C ALA D 140 21.46 18.94 -0.38
N ALA D 141 21.78 18.16 0.65
CA ALA D 141 20.83 17.24 1.24
C ALA D 141 19.99 17.98 2.28
N ALA D 142 18.99 17.32 2.87
CA ALA D 142 18.09 17.95 3.82
C ALA D 142 17.91 17.11 5.07
N LEU D 143 18.14 17.73 6.24
CA LEU D 143 17.82 17.13 7.53
C LEU D 143 16.47 17.66 8.00
N VAL D 144 15.55 16.75 8.33
CA VAL D 144 14.17 17.11 8.67
C VAL D 144 13.97 17.00 10.17
N VAL D 145 13.59 18.11 10.78
CA VAL D 145 13.32 18.16 12.21
C VAL D 145 11.83 17.92 12.40
N VAL D 146 11.49 17.02 13.33
CA VAL D 146 10.12 16.55 13.53
C VAL D 146 9.78 16.63 15.01
N THR D 147 8.49 16.45 15.31
CA THR D 147 8.05 16.34 16.69
C THR D 147 7.59 14.92 16.96
N ALA D 148 7.20 14.68 18.20
CA ALA D 148 6.72 13.39 18.64
C ALA D 148 5.25 13.47 19.04
N ASP D 149 4.55 14.44 18.45
CA ASP D 149 3.17 14.73 18.82
C ASP D 149 2.19 14.15 17.81
N LEU D 150 0.95 14.02 18.26
CA LEU D 150 -0.13 13.60 17.39
C LEU D 150 -0.14 14.45 16.13
N GLY D 151 0.00 13.81 14.98
CA GLY D 151 0.05 14.48 13.71
C GLY D 151 1.40 14.47 13.04
N THR D 152 2.41 13.91 13.68
CA THR D 152 3.80 14.06 13.26
C THR D 152 4.21 13.08 12.16
N LEU D 153 3.43 12.02 11.92
CA LEU D 153 3.75 11.13 10.80
C LEU D 153 3.23 11.70 9.49
N ASN D 154 1.99 12.20 9.49
CA ASN D 154 1.45 12.81 8.28
C ASN D 154 2.32 13.98 7.83
N HIS D 155 2.81 14.80 8.77
CA HIS D 155 3.67 15.92 8.42
C HIS D 155 5.06 15.45 7.97
N THR D 156 5.58 14.36 8.57
CA THR D 156 6.88 13.85 8.13
C THR D 156 6.78 13.22 6.74
N LYS D 157 5.80 12.34 6.53
CA LYS D 157 5.59 11.78 5.20
C LYS D 157 5.38 12.89 4.19
N LEU D 158 4.52 13.85 4.51
CA LEU D 158 4.26 14.95 3.59
C LEU D 158 5.55 15.68 3.21
N THR D 159 6.44 15.88 4.17
CA THR D 159 7.67 16.62 3.90
C THR D 159 8.68 15.79 3.13
N LEU D 160 8.90 14.53 3.54
CA LEU D 160 9.81 13.64 2.80
C LEU D 160 9.39 13.51 1.34
N GLU D 161 8.10 13.31 1.07
CA GLU D 161 7.65 13.21 -0.32
C GLU D 161 8.02 14.47 -1.09
N ALA D 162 7.85 15.65 -0.47
CA ALA D 162 8.24 16.91 -1.10
C ALA D 162 9.71 16.90 -1.48
N LEU D 163 10.53 16.21 -0.70
CA LEU D 163 11.95 16.13 -1.02
C LEU D 163 12.16 15.18 -2.19
N ALA D 164 11.59 13.98 -2.12
CA ALA D 164 11.68 13.04 -3.23
C ALA D 164 11.26 13.69 -4.54
N ALA D 165 10.25 14.55 -4.50
CA ALA D 165 9.76 15.16 -5.73
C ALA D 165 10.86 15.95 -6.46
N GLN D 166 11.75 16.61 -5.71
CA GLN D 166 12.75 17.50 -6.32
C GLN D 166 14.14 16.91 -6.34
N GLN D 167 14.27 15.59 -6.22
CA GLN D 167 15.56 14.91 -6.22
C GLN D 167 16.46 15.43 -5.11
N VAL D 168 15.87 15.99 -4.06
CA VAL D 168 16.64 16.47 -2.93
C VAL D 168 16.89 15.29 -2.01
N SER D 169 18.17 14.95 -1.82
CA SER D 169 18.50 13.81 -0.99
C SER D 169 18.05 14.06 0.44
N CYS D 170 17.49 13.03 1.08
CA CYS D 170 17.08 13.10 2.48
C CYS D 170 18.23 12.64 3.35
N ALA D 171 18.57 13.44 4.35
CA ALA D 171 19.65 13.13 5.28
C ALA D 171 19.17 12.53 6.58
N GLY D 172 17.86 12.43 6.80
CA GLY D 172 17.33 11.79 7.98
C GLY D 172 16.51 12.73 8.87
N LEU D 173 16.08 12.17 10.00
CA LEU D 173 15.20 12.85 10.92
C LEU D 173 15.91 13.15 12.25
N VAL D 174 15.52 14.28 12.85
CA VAL D 174 15.85 14.56 14.24
C VAL D 174 14.56 14.96 14.95
N ILE D 175 14.26 14.30 16.05
CA ILE D 175 13.15 14.75 16.89
C ILE D 175 13.68 15.91 17.73
N GLY D 176 13.13 17.10 17.50
CA GLY D 176 13.66 18.30 18.12
C GLY D 176 13.52 18.33 19.61
N SER D 177 12.53 17.61 20.17
CA SER D 177 12.24 17.70 21.60
C SER D 177 11.62 16.39 22.07
N TRP D 178 12.36 15.63 22.90
CA TRP D 178 11.96 14.29 23.35
C TRP D 178 11.62 14.31 24.84
N PRO D 179 10.43 13.88 25.24
CA PRO D 179 10.01 14.01 26.63
C PRO D 179 10.50 12.88 27.54
N ASP D 180 10.58 13.19 28.82
CA ASP D 180 11.19 12.31 29.82
C ASP D 180 10.39 12.41 31.10
N PRO D 181 9.46 11.46 31.34
CA PRO D 181 9.16 10.29 30.52
C PRO D 181 8.24 10.57 29.31
N PRO D 182 8.29 9.70 28.30
CA PRO D 182 7.46 9.88 27.11
C PRO D 182 6.11 9.21 27.22
N GLY D 183 5.07 9.95 26.83
CA GLY D 183 3.73 9.41 26.87
C GLY D 183 3.50 8.28 25.88
N LEU D 184 2.23 7.93 25.72
CA LEU D 184 1.86 6.84 24.81
C LEU D 184 2.06 7.26 23.36
N VAL D 185 1.50 8.41 22.98
CA VAL D 185 1.63 8.91 21.61
C VAL D 185 3.10 9.10 21.25
N ALA D 186 3.89 9.63 22.21
CA ALA D 186 5.29 9.95 21.95
C ALA D 186 6.12 8.73 21.59
N ALA D 187 6.05 7.68 22.41
CA ALA D 187 6.88 6.49 22.18
C ALA D 187 6.47 5.75 20.91
N SER D 188 5.16 5.74 20.60
CA SER D 188 4.69 5.10 19.38
C SER D 188 5.06 5.91 18.16
N ASN D 189 4.91 7.23 18.24
CA ASN D 189 5.31 8.09 17.12
C ASN D 189 6.78 7.89 16.80
N ARG D 190 7.63 7.78 17.82
CA ARG D 190 9.05 7.63 17.55
C ARG D 190 9.33 6.31 16.85
N SER D 191 8.72 5.21 17.31
CA SER D 191 8.86 3.93 16.64
C SER D 191 8.43 4.03 15.19
N ALA D 192 7.36 4.76 14.94
CA ALA D 192 6.82 4.88 13.58
C ALA D 192 7.74 5.72 12.71
N LEU D 193 8.33 6.79 13.27
CA LEU D 193 9.23 7.61 12.49
C LEU D 193 10.50 6.83 12.13
N ALA D 194 11.01 6.03 13.07
CA ALA D 194 12.18 5.20 12.80
C ALA D 194 11.93 4.29 11.61
N ARG D 195 10.68 3.90 11.37
CA ARG D 195 10.32 3.06 10.23
C ARG D 195 10.10 3.84 8.94
N ILE D 196 10.46 5.13 8.90
CA ILE D 196 10.38 5.93 7.68
C ILE D 196 11.75 6.44 7.24
N ALA D 197 12.57 6.84 8.20
CA ALA D 197 13.95 7.25 7.91
C ALA D 197 14.77 7.06 9.17
N MET D 198 16.08 7.23 9.01
CA MET D 198 16.98 7.12 10.14
C MET D 198 16.76 8.29 11.10
N VAL D 199 16.23 8.01 12.29
CA VAL D 199 16.21 9.00 13.36
C VAL D 199 17.66 9.26 13.76
N ARG D 200 18.21 10.41 13.36
CA ARG D 200 19.62 10.66 13.62
C ARG D 200 19.86 11.01 15.09
N ALA D 201 18.89 11.65 15.74
CA ALA D 201 19.03 12.06 17.13
C ALA D 201 17.67 12.45 17.68
N ALA D 202 17.57 12.50 18.99
CA ALA D 202 16.38 13.00 19.67
C ALA D 202 16.86 13.87 20.82
N LEU D 203 16.84 15.17 20.63
CA LEU D 203 17.35 16.08 21.64
C LEU D 203 16.40 16.12 22.84
N PRO D 204 16.93 16.08 24.06
CA PRO D 204 16.07 16.12 25.23
C PRO D 204 15.36 17.46 25.39
N ALA D 205 14.28 17.42 26.16
CA ALA D 205 13.29 18.50 26.15
C ALA D 205 13.90 19.85 26.53
N GLY D 206 14.85 19.84 27.47
CA GLY D 206 15.38 21.09 27.98
C GLY D 206 16.67 21.56 27.34
N ALA D 207 16.78 21.37 26.03
CA ALA D 207 18.07 21.55 25.37
C ALA D 207 18.45 23.02 25.25
N ALA D 208 17.51 23.89 24.90
CA ALA D 208 17.92 25.28 24.64
C ALA D 208 18.07 26.10 25.90
N SER D 209 17.84 25.51 27.07
CA SER D 209 18.11 26.18 28.33
C SER D 209 19.33 25.64 29.05
N LEU D 210 19.92 24.55 28.56
CA LEU D 210 21.23 24.14 29.04
C LEU D 210 22.25 25.23 28.79
N ASP D 211 23.28 25.25 29.63
CA ASP D 211 24.43 26.12 29.42
C ASP D 211 25.33 25.54 28.33
N ALA D 212 26.28 26.35 27.89
CA ALA D 212 27.23 25.93 26.85
C ALA D 212 27.78 24.53 27.11
N GLY D 213 28.27 24.28 28.34
CA GLY D 213 28.90 23.00 28.61
C GLY D 213 27.92 21.85 28.58
N ASP D 214 26.72 22.05 29.14
CA ASP D 214 25.72 20.99 29.21
C ASP D 214 25.14 20.67 27.83
N PHE D 215 24.99 21.68 26.98
CA PHE D 215 24.44 21.49 25.63
C PHE D 215 25.39 20.68 24.76
N ALA D 216 26.70 20.94 24.88
CA ALA D 216 27.65 20.12 24.14
C ALA D 216 27.70 18.70 24.68
N ALA D 217 27.59 18.55 25.99
CA ALA D 217 27.48 17.22 26.59
C ALA D 217 26.36 16.44 25.90
N MET D 218 25.15 16.99 25.92
CA MET D 218 24.01 16.39 25.26
C MET D 218 24.25 16.24 23.75
N SER D 219 24.63 17.33 23.08
CA SER D 219 24.79 17.30 21.62
C SER D 219 25.73 16.20 21.17
N ALA D 220 26.87 16.05 21.86
CA ALA D 220 27.78 14.96 21.53
C ALA D 220 27.13 13.61 21.79
N ALA D 221 26.18 13.55 22.72
CA ALA D 221 25.58 12.27 23.06
C ALA D 221 24.43 11.94 22.11
N ALA D 222 23.64 12.94 21.72
CA ALA D 222 22.36 12.68 21.05
C ALA D 222 22.54 12.11 19.64
N PHE D 223 23.62 12.45 18.95
CA PHE D 223 23.89 11.95 17.61
C PHE D 223 24.73 10.69 17.68
N ASP D 224 25.03 10.15 16.49
CA ASP D 224 26.03 9.12 16.34
C ASP D 224 27.36 9.79 16.04
N ARG D 225 28.38 9.47 16.84
CA ARG D 225 29.70 10.08 16.65
C ARG D 225 30.23 9.79 15.26
N ASN D 226 29.92 8.62 14.71
CA ASN D 226 30.43 8.24 13.40
C ASN D 226 29.65 8.93 12.28
N TRP D 227 28.33 8.90 12.35
CA TRP D 227 27.52 9.54 11.32
C TRP D 227 27.90 11.01 11.18
N VAL D 228 28.01 11.73 12.29
CA VAL D 228 28.46 13.12 12.28
C VAL D 228 29.81 13.22 11.59
N ALA D 229 30.75 12.36 12.00
CA ALA D 229 32.08 12.37 11.41
C ALA D 229 32.02 12.15 9.90
N GLY D 230 31.02 11.40 9.43
CA GLY D 230 30.94 11.05 8.02
C GLY D 230 30.48 12.17 7.12
N LEU D 231 29.91 13.22 7.70
CA LEU D 231 29.43 14.35 6.90
C LEU D 231 30.55 15.09 6.21
N VAL D 232 31.80 14.89 6.65
CA VAL D 232 33.01 15.47 6.04
C VAL D 232 32.83 16.95 5.65
#